data_1PEZ
#
_entry.id   1PEZ
#
_cell.length_a   117.622
_cell.length_b   109.706
_cell.length_c   65.577
_cell.angle_alpha   90.00
_cell.angle_beta   90.00
_cell.angle_gamma   90.00
#
_symmetry.space_group_name_H-M   'P 21 21 21'
#
loop_
_entity.id
_entity.type
_entity.pdbx_description
1 polymer 'Cyclomaltodextrin glucanotransferase'
2 branched alpha-D-glucopyranose-(1-4)-beta-D-glucopyranose
3 branched alpha-D-glucopyranose-(1-4)-alpha-D-glucopyranose-(1-4)-alpha-D-glucopyranose
4 branched alpha-D-glucopyranose-(1-4)-alpha-D-glucopyranose
5 non-polymer 'CALCIUM ION'
6 non-polymer (4S)-2-METHYL-2,4-PENTANEDIOL
7 non-polymer 'ACETIC ACID'
8 non-polymer '4-(2-HYDROXYETHYL)-1-PIPERAZINE ETHANESULFONIC ACID'
9 water water
#
_entity_poly.entity_id   1
_entity_poly.type   'polypeptide(L)'
_entity_poly.pdbx_seq_one_letter_code
;APDTSSSNKQNFSTDVIYQIFTDRFSDGNPANNPTGAAFDGTCTNLRLYCGGDWQGIINKINDGYLTGMGVTAIWISQPV
ENIYSIINYSGVNNTAYHGYWARDFKKTNPAYGTIADFQNLIAAAHAKNIKVIIDFAPNHTSPASSDQPSFAENGRLYDN
GTLLGGYTNDTQNLFHHNGGTDFSTTENGIYKNLYDLADLNHNNSTVDVYLKDAIKMWLDLGIDGIRMDVVKHMPFGWQK
SFMAAVNNYKPVFTFGEWFLGVNEVSPENHKFANESGMSLLDFRFAQKVRQVFRDNTDNMYGLKAMLEGSAADYAQVDDQ
VTFIDNHDMERFHASNANRRKLEQALAFTLTSRGVPAIYYGTEQYMSGGTDPDNRARIPSFSTSTTAYQVIQKLAPLRKS
NPAIAYGSTQERWINNDVLIYERKFGSNVAVVAVNRNLNAPASISGLVTSLPQGSYNDVLGGLLNGNTLSVGSGGAASNF
TLAAGGTAVWQYTAATATPTIGHVGPMMAKPGVTITIDGRGFGSSKGTVYFGTTAVSGADITSWEDTQIKVKIPAVAGGN
YNIKVANAAGTASNVYDNFEVLSGDQVSVRFVVNNATTALGQNVYLTGSVSELGNWDPAKAIGPMYNQVVYQYPNWYYDV
SVPAGKTIEFKFLKKQGSTATWEGGSNHTFTAPSSGTGTINVNWQP
;
_entity_poly.pdbx_strand_id   A
#
# COMPACT_ATOMS: atom_id res chain seq x y z
N ALA A 1 4.91 17.85 -16.23
CA ALA A 1 5.20 18.12 -14.82
C ALA A 1 6.28 17.16 -14.32
N PRO A 2 7.02 17.57 -13.27
CA PRO A 2 8.08 16.74 -12.70
C PRO A 2 7.54 15.57 -11.88
N ASP A 3 8.39 14.57 -11.66
CA ASP A 3 7.98 13.40 -10.91
C ASP A 3 7.49 13.76 -9.51
N THR A 4 8.08 14.81 -8.94
CA THR A 4 7.73 15.27 -7.59
C THR A 4 6.44 16.07 -7.48
N SER A 5 5.83 16.41 -8.62
CA SER A 5 4.60 17.18 -8.63
C SER A 5 3.49 16.53 -7.79
N SER A 6 2.64 17.37 -7.20
CA SER A 6 1.54 16.86 -6.39
C SER A 6 0.42 16.26 -7.25
N SER A 7 0.53 16.44 -8.56
CA SER A 7 -0.49 15.90 -9.46
C SER A 7 -0.14 14.49 -9.92
N ASN A 8 0.99 13.97 -9.46
CA ASN A 8 1.45 12.63 -9.82
C ASN A 8 0.73 11.59 -8.95
N LYS A 9 -0.33 11.01 -9.48
CA LYS A 9 -1.13 10.02 -8.75
C LYS A 9 -0.55 8.60 -8.79
N GLN A 10 0.46 8.38 -9.62
CA GLN A 10 1.05 7.05 -9.79
C GLN A 10 2.30 6.78 -8.97
N ASN A 11 2.84 7.81 -8.33
CA ASN A 11 4.11 7.69 -7.60
C ASN A 11 4.10 8.43 -6.27
N PHE A 12 4.23 7.69 -5.16
CA PHE A 12 4.26 8.34 -3.84
C PHE A 12 5.62 8.18 -3.16
N SER A 13 6.61 7.66 -3.87
CA SER A 13 7.92 7.44 -3.30
C SER A 13 8.66 8.74 -2.92
N THR A 14 8.26 9.86 -3.51
CA THR A 14 8.88 11.15 -3.19
C THR A 14 8.05 11.87 -2.13
N ASP A 15 6.98 11.24 -1.69
CA ASP A 15 6.08 11.82 -0.70
C ASP A 15 6.25 11.23 0.70
N VAL A 16 5.61 11.88 1.66
CA VAL A 16 5.57 11.43 3.04
C VAL A 16 4.10 11.49 3.43
N ILE A 17 3.51 10.33 3.66
CA ILE A 17 2.10 10.25 4.02
C ILE A 17 1.85 10.46 5.50
N TYR A 18 0.80 11.23 5.80
CA TYR A 18 0.39 11.49 7.17
C TYR A 18 -0.95 10.77 7.30
N GLN A 19 -0.99 9.74 8.15
CA GLN A 19 -2.21 8.97 8.33
C GLN A 19 -3.11 9.62 9.36
N ILE A 20 -4.31 9.99 8.92
CA ILE A 20 -5.25 10.67 9.80
C ILE A 20 -6.49 9.85 10.15
N PHE A 21 -6.73 9.68 11.44
CA PHE A 21 -7.97 9.05 11.89
C PHE A 21 -8.90 10.27 11.98
N THR A 22 -9.61 10.53 10.89
CA THR A 22 -10.48 11.70 10.78
C THR A 22 -11.18 12.16 12.05
N ASP A 23 -11.86 11.24 12.74
CA ASP A 23 -12.59 11.59 13.95
C ASP A 23 -11.74 12.08 15.11
N ARG A 24 -10.48 11.69 15.13
CA ARG A 24 -9.59 12.03 16.24
C ARG A 24 -8.56 13.11 15.92
N PHE A 25 -8.69 13.75 14.77
CA PHE A 25 -7.74 14.79 14.37
C PHE A 25 -8.22 16.20 14.72
N SER A 26 -9.20 16.72 13.98
CA SER A 26 -9.71 18.05 14.27
C SER A 26 -11.17 18.25 13.90
N ASP A 27 -11.97 18.67 14.88
CA ASP A 27 -13.39 18.93 14.68
C ASP A 27 -13.54 20.36 14.16
N GLY A 28 -13.62 20.50 12.85
CA GLY A 28 -13.74 21.82 12.24
C GLY A 28 -15.17 22.26 12.03
N ASN A 29 -16.13 21.35 12.22
CA ASN A 29 -17.54 21.68 12.05
C ASN A 29 -18.39 20.94 13.07
N PRO A 30 -18.66 21.58 14.21
CA PRO A 30 -19.47 21.01 15.30
C PRO A 30 -20.88 20.62 14.88
N ALA A 31 -21.38 21.27 13.84
CA ALA A 31 -22.73 21.03 13.36
C ALA A 31 -22.98 19.61 12.86
N ASN A 32 -21.96 18.97 12.27
CA ASN A 32 -22.14 17.61 11.76
C ASN A 32 -21.80 16.52 12.78
N ASN A 33 -21.55 16.93 14.01
CA ASN A 33 -21.21 15.98 15.08
C ASN A 33 -22.36 15.07 15.50
N PRO A 34 -22.08 13.77 15.63
CA PRO A 34 -23.14 12.86 16.06
C PRO A 34 -23.65 13.32 17.42
N THR A 35 -24.81 12.81 17.85
CA THR A 35 -25.38 13.25 19.12
C THR A 35 -25.68 12.11 20.08
N GLY A 36 -26.09 12.46 21.28
CA GLY A 36 -26.44 11.47 22.28
C GLY A 36 -25.34 10.51 22.63
N ALA A 37 -25.72 9.25 22.88
CA ALA A 37 -24.78 8.20 23.27
C ALA A 37 -23.73 7.85 22.23
N ALA A 38 -23.85 8.41 21.02
CA ALA A 38 -22.89 8.13 19.96
C ALA A 38 -21.77 9.17 19.92
N PHE A 39 -21.79 10.11 20.86
CA PHE A 39 -20.84 11.20 20.85
C PHE A 39 -20.22 11.55 22.22
N ASP A 40 -19.00 12.08 22.18
CA ASP A 40 -18.29 12.51 23.38
C ASP A 40 -17.27 13.55 22.94
N GLY A 41 -17.66 14.82 23.02
CA GLY A 41 -16.80 15.92 22.61
C GLY A 41 -15.48 16.07 23.33
N THR A 42 -15.35 15.48 24.51
CA THR A 42 -14.11 15.57 25.26
C THR A 42 -13.19 14.43 24.84
N CYS A 43 -13.70 13.56 23.98
CA CYS A 43 -12.96 12.42 23.48
C CYS A 43 -12.27 11.65 24.59
N THR A 44 -13.04 11.31 25.62
CA THR A 44 -12.54 10.53 26.74
C THR A 44 -12.91 9.09 26.48
N ASN A 45 -14.08 8.90 25.87
CA ASN A 45 -14.56 7.57 25.51
C ASN A 45 -14.11 7.34 24.07
N LEU A 46 -12.98 6.65 23.92
CA LEU A 46 -12.38 6.41 22.62
C LEU A 46 -13.11 5.45 21.67
N ARG A 47 -14.35 5.09 22.00
CA ARG A 47 -15.12 4.18 21.15
C ARG A 47 -16.34 4.89 20.55
N LEU A 48 -16.47 6.17 20.85
CA LEU A 48 -17.58 6.99 20.36
C LEU A 48 -17.03 8.08 19.45
N TYR A 49 -17.89 8.71 18.67
CA TYR A 49 -17.46 9.79 17.81
C TYR A 49 -16.97 10.96 18.67
N CYS A 50 -15.86 11.55 18.27
CA CYS A 50 -15.28 12.67 19.00
C CYS A 50 -15.51 14.00 18.28
N GLY A 51 -15.79 13.93 16.98
CA GLY A 51 -16.06 15.14 16.22
C GLY A 51 -15.14 15.45 15.05
N GLY A 52 -13.97 14.81 15.01
CA GLY A 52 -13.04 15.06 13.92
C GLY A 52 -13.70 14.93 12.56
N ASP A 53 -13.49 15.93 11.70
CA ASP A 53 -14.12 15.90 10.38
C ASP A 53 -13.22 16.44 9.26
N TRP A 54 -13.77 16.54 8.05
CA TRP A 54 -13.01 17.00 6.91
C TRP A 54 -12.70 18.50 6.94
N GLN A 55 -13.59 19.28 7.54
CA GLN A 55 -13.34 20.73 7.64
C GLN A 55 -12.14 20.95 8.55
N GLY A 56 -11.98 20.07 9.54
CA GLY A 56 -10.85 20.17 10.45
C GLY A 56 -9.55 19.88 9.72
N ILE A 57 -9.57 18.90 8.83
CA ILE A 57 -8.38 18.55 8.06
C ILE A 57 -8.08 19.76 7.17
N ILE A 58 -9.13 20.29 6.55
CA ILE A 58 -8.98 21.46 5.70
C ILE A 58 -8.33 22.60 6.48
N ASN A 59 -8.75 22.79 7.72
CA ASN A 59 -8.19 23.87 8.52
C ASN A 59 -6.71 23.64 8.84
N LYS A 60 -6.34 22.41 9.14
CA LYS A 60 -4.94 22.11 9.48
C LYS A 60 -4.07 22.11 8.23
N ILE A 61 -4.69 22.03 7.06
CA ILE A 61 -3.96 22.11 5.81
C ILE A 61 -3.70 23.58 5.50
N ASN A 62 -4.69 24.41 5.82
CA ASN A 62 -4.61 25.84 5.57
C ASN A 62 -3.80 26.64 6.59
N ASP A 63 -3.72 26.17 7.83
CA ASP A 63 -2.96 26.93 8.83
C ASP A 63 -1.50 26.49 8.97
N GLY A 64 -1.07 25.60 8.08
CA GLY A 64 0.34 25.20 8.05
C GLY A 64 0.84 24.07 8.92
N TYR A 65 -0.02 23.41 9.69
CA TYR A 65 0.46 22.33 10.54
C TYR A 65 1.16 21.22 9.75
N LEU A 66 0.51 20.75 8.69
CA LEU A 66 1.07 19.67 7.88
C LEU A 66 2.14 20.17 6.92
N THR A 67 1.89 21.31 6.29
CA THR A 67 2.83 21.90 5.36
C THR A 67 4.17 22.15 6.04
N GLY A 68 4.13 22.77 7.21
CA GLY A 68 5.36 23.07 7.94
C GLY A 68 6.09 21.82 8.40
N MET A 69 5.37 20.71 8.49
CA MET A 69 5.97 19.47 8.94
C MET A 69 6.66 18.74 7.80
N GLY A 70 6.29 19.07 6.56
CA GLY A 70 6.88 18.41 5.41
C GLY A 70 6.00 17.31 4.86
N VAL A 71 4.81 17.17 5.42
CA VAL A 71 3.86 16.18 4.95
C VAL A 71 3.37 16.62 3.57
N THR A 72 3.35 15.69 2.62
CA THR A 72 2.93 16.02 1.25
C THR A 72 1.77 15.14 0.80
N ALA A 73 1.26 14.34 1.72
CA ALA A 73 0.14 13.46 1.41
C ALA A 73 -0.55 13.02 2.69
N ILE A 74 -1.85 12.81 2.60
CA ILE A 74 -2.61 12.37 3.75
C ILE A 74 -3.44 11.15 3.40
N TRP A 75 -3.62 10.27 4.36
CA TRP A 75 -4.40 9.07 4.20
C TRP A 75 -5.50 9.18 5.26
N ILE A 76 -6.75 9.25 4.82
CA ILE A 76 -7.87 9.43 5.74
C ILE A 76 -8.78 8.22 5.89
N SER A 77 -9.58 8.23 6.95
CA SER A 77 -10.51 7.14 7.22
C SER A 77 -11.45 6.96 6.03
N GLN A 78 -11.98 5.75 5.86
CA GLN A 78 -12.89 5.49 4.76
C GLN A 78 -13.96 6.55 4.79
N PRO A 79 -14.17 7.25 3.67
CA PRO A 79 -15.16 8.32 3.55
C PRO A 79 -16.61 7.90 3.37
N VAL A 80 -16.84 6.66 2.98
CA VAL A 80 -18.20 6.19 2.71
C VAL A 80 -19.09 6.17 3.95
N GLU A 81 -20.40 6.25 3.72
CA GLU A 81 -21.37 6.24 4.80
C GLU A 81 -21.31 4.94 5.59
N ASN A 82 -21.17 5.07 6.91
CA ASN A 82 -21.15 3.92 7.80
C ASN A 82 -22.50 3.77 8.48
N ILE A 83 -22.69 2.68 9.21
CA ILE A 83 -23.94 2.49 9.92
C ILE A 83 -23.99 3.53 11.05
N TYR A 84 -25.18 3.78 11.55
CA TYR A 84 -25.36 4.77 12.61
C TYR A 84 -25.58 4.07 13.95
N SER A 85 -25.66 2.75 13.91
CA SER A 85 -25.88 1.95 15.11
C SER A 85 -24.85 2.22 16.20
N ILE A 86 -25.26 2.04 17.45
CA ILE A 86 -24.36 2.15 18.58
C ILE A 86 -24.34 0.74 19.15
N ILE A 87 -23.34 -0.03 18.78
CA ILE A 87 -23.25 -1.43 19.19
C ILE A 87 -22.72 -1.61 20.61
N ASN A 88 -23.47 -2.36 21.40
CA ASN A 88 -23.07 -2.65 22.77
C ASN A 88 -22.35 -3.99 22.81
N TYR A 89 -21.03 -3.94 22.99
CA TYR A 89 -20.21 -5.16 23.07
C TYR A 89 -19.83 -5.42 24.51
N SER A 90 -20.59 -6.30 25.15
CA SER A 90 -20.35 -6.68 26.54
C SER A 90 -20.37 -5.45 27.45
N GLY A 91 -21.46 -4.68 27.38
CA GLY A 91 -21.59 -3.52 28.23
C GLY A 91 -20.90 -2.25 27.77
N VAL A 92 -20.17 -2.33 26.67
CA VAL A 92 -19.46 -1.17 26.14
C VAL A 92 -20.00 -0.74 24.78
N ASN A 93 -20.43 0.52 24.68
CA ASN A 93 -20.95 1.05 23.43
C ASN A 93 -19.84 1.32 22.42
N ASN A 94 -20.15 1.09 21.14
CA ASN A 94 -19.21 1.30 20.05
C ASN A 94 -19.90 1.94 18.86
N THR A 95 -19.22 2.88 18.22
CA THR A 95 -19.76 3.54 17.04
C THR A 95 -18.82 3.32 15.85
N ALA A 96 -19.19 3.89 14.71
CA ALA A 96 -18.41 3.74 13.49
C ALA A 96 -17.41 4.88 13.26
N TYR A 97 -16.94 5.49 14.34
CA TYR A 97 -16.00 6.60 14.22
C TYR A 97 -14.80 6.26 13.33
N HIS A 98 -14.43 4.98 13.29
CA HIS A 98 -13.28 4.53 12.51
C HIS A 98 -13.56 4.41 11.02
N GLY A 99 -14.85 4.40 10.66
CA GLY A 99 -15.24 4.34 9.26
C GLY A 99 -15.13 2.99 8.56
N TYR A 100 -14.87 1.93 9.31
CA TYR A 100 -14.71 0.61 8.71
C TYR A 100 -15.99 -0.20 8.58
N TRP A 101 -17.12 0.38 8.99
CA TRP A 101 -18.41 -0.30 8.91
C TRP A 101 -19.28 0.36 7.85
N ALA A 102 -18.96 0.11 6.58
CA ALA A 102 -19.69 0.71 5.47
C ALA A 102 -21.13 0.20 5.35
N ARG A 103 -21.99 1.05 4.80
CA ARG A 103 -23.39 0.71 4.55
C ARG A 103 -23.74 1.12 3.12
N ASP A 104 -23.08 2.18 2.65
CA ASP A 104 -23.29 2.67 1.28
C ASP A 104 -21.98 3.26 0.77
N PHE A 105 -21.34 2.56 -0.16
CA PHE A 105 -20.06 3.02 -0.70
C PHE A 105 -20.15 4.20 -1.66
N LYS A 106 -21.36 4.60 -2.03
CA LYS A 106 -21.55 5.73 -2.95
C LYS A 106 -21.99 7.00 -2.24
N LYS A 107 -21.96 6.98 -0.91
CA LYS A 107 -22.33 8.14 -0.10
C LYS A 107 -21.23 8.41 0.91
N THR A 108 -21.24 9.61 1.50
CA THR A 108 -20.24 9.97 2.49
C THR A 108 -20.74 9.72 3.91
N ASN A 109 -19.82 9.79 4.86
CA ASN A 109 -20.15 9.65 6.26
C ASN A 109 -20.44 11.08 6.72
N PRO A 110 -21.73 11.40 6.96
CA PRO A 110 -22.13 12.75 7.38
C PRO A 110 -21.34 13.33 8.56
N ALA A 111 -20.79 12.45 9.40
CA ALA A 111 -20.00 12.89 10.54
C ALA A 111 -18.71 13.56 10.05
N TYR A 112 -18.14 13.03 8.97
CA TYR A 112 -16.93 13.60 8.40
C TYR A 112 -17.29 14.79 7.53
N GLY A 113 -18.40 14.67 6.80
CA GLY A 113 -18.85 15.75 5.95
C GLY A 113 -19.71 15.30 4.79
N THR A 114 -20.07 16.25 3.94
CA THR A 114 -20.90 15.99 2.78
C THR A 114 -20.00 15.79 1.55
N ILE A 115 -20.61 15.51 0.41
CA ILE A 115 -19.88 15.36 -0.84
C ILE A 115 -19.10 16.66 -1.06
N ALA A 116 -19.79 17.78 -0.89
CA ALA A 116 -19.20 19.09 -1.08
C ALA A 116 -18.01 19.29 -0.16
N ASP A 117 -18.12 18.81 1.08
CA ASP A 117 -16.99 18.92 2.00
C ASP A 117 -15.82 18.14 1.43
N PHE A 118 -16.07 16.91 1.00
CA PHE A 118 -15.01 16.09 0.43
C PHE A 118 -14.36 16.80 -0.75
N GLN A 119 -15.18 17.45 -1.56
CA GLN A 119 -14.68 18.20 -2.71
C GLN A 119 -13.79 19.36 -2.27
N ASN A 120 -14.20 20.05 -1.21
CA ASN A 120 -13.40 21.16 -0.69
C ASN A 120 -12.10 20.62 -0.08
N LEU A 121 -12.16 19.43 0.50
CA LEU A 121 -10.96 18.83 1.08
C LEU A 121 -9.94 18.53 -0.02
N ILE A 122 -10.43 17.97 -1.12
CA ILE A 122 -9.59 17.65 -2.28
C ILE A 122 -8.94 18.93 -2.84
N ALA A 123 -9.75 19.98 -2.94
CA ALA A 123 -9.29 21.26 -3.47
C ALA A 123 -8.27 21.94 -2.55
N ALA A 124 -8.56 21.97 -1.27
CA ALA A 124 -7.65 22.57 -0.30
C ALA A 124 -6.32 21.82 -0.26
N ALA A 125 -6.39 20.50 -0.20
CA ALA A 125 -5.19 19.67 -0.19
C ALA A 125 -4.35 19.92 -1.43
N HIS A 126 -4.98 19.79 -2.60
CA HIS A 126 -4.28 20.00 -3.86
C HIS A 126 -3.74 21.42 -4.01
N ALA A 127 -4.46 22.40 -3.48
CA ALA A 127 -4.01 23.78 -3.54
C ALA A 127 -2.71 23.96 -2.77
N LYS A 128 -2.46 23.06 -1.82
CA LYS A 128 -1.24 23.09 -1.01
C LYS A 128 -0.28 21.96 -1.41
N ASN A 129 -0.47 21.42 -2.61
CA ASN A 129 0.36 20.33 -3.13
C ASN A 129 0.40 19.10 -2.22
N ILE A 130 -0.76 18.74 -1.69
CA ILE A 130 -0.88 17.58 -0.82
C ILE A 130 -1.83 16.57 -1.46
N LYS A 131 -1.34 15.35 -1.69
CA LYS A 131 -2.16 14.29 -2.28
C LYS A 131 -3.10 13.74 -1.22
N VAL A 132 -4.21 13.16 -1.65
CA VAL A 132 -5.18 12.61 -0.72
C VAL A 132 -5.46 11.12 -0.99
N ILE A 133 -5.23 10.30 0.03
CA ILE A 133 -5.47 8.87 -0.05
C ILE A 133 -6.66 8.54 0.83
N ILE A 134 -7.55 7.67 0.35
CA ILE A 134 -8.68 7.27 1.15
C ILE A 134 -8.63 5.79 1.44
N ASP A 135 -9.13 5.41 2.60
CA ASP A 135 -9.23 4.02 2.98
C ASP A 135 -10.46 3.53 2.23
N PHE A 136 -10.40 2.30 1.73
CA PHE A 136 -11.53 1.71 1.01
C PHE A 136 -11.57 0.26 1.47
N ALA A 137 -12.68 -0.15 2.06
CA ALA A 137 -12.81 -1.50 2.60
C ALA A 137 -13.92 -2.32 1.94
N PRO A 138 -13.67 -2.84 0.73
CA PRO A 138 -14.66 -3.64 -0.01
C PRO A 138 -14.84 -5.06 0.49
N ASN A 139 -14.14 -5.43 1.56
CA ASN A 139 -14.24 -6.78 2.11
C ASN A 139 -15.58 -7.05 2.79
N HIS A 140 -16.11 -6.04 3.47
CA HIS A 140 -17.33 -6.23 4.24
C HIS A 140 -18.14 -4.95 4.39
N THR A 141 -19.32 -5.10 4.99
CA THR A 141 -20.15 -3.95 5.28
C THR A 141 -19.98 -3.60 6.76
N SER A 142 -20.77 -4.23 7.63
CA SER A 142 -20.71 -3.93 9.06
C SER A 142 -21.12 -5.10 9.95
N PRO A 143 -21.03 -4.92 11.28
CA PRO A 143 -21.40 -5.99 12.22
C PRO A 143 -22.83 -6.51 11.98
N ALA A 144 -22.98 -7.83 11.96
CA ALA A 144 -24.28 -8.41 11.72
C ALA A 144 -24.45 -9.76 12.42
N SER A 145 -25.70 -10.16 12.60
CA SER A 145 -26.04 -11.43 13.23
C SER A 145 -27.08 -12.09 12.35
N SER A 146 -26.75 -13.25 11.80
CA SER A 146 -27.66 -13.96 10.91
C SER A 146 -29.01 -14.23 11.55
N ASP A 147 -28.97 -14.82 12.74
CA ASP A 147 -30.18 -15.16 13.47
C ASP A 147 -30.50 -14.12 14.54
N GLN A 148 -30.63 -12.88 14.11
CA GLN A 148 -30.95 -11.76 14.99
C GLN A 148 -30.77 -10.48 14.18
N PRO A 149 -31.58 -10.32 13.12
CA PRO A 149 -31.56 -9.16 12.21
C PRO A 149 -31.73 -7.79 12.85
N SER A 150 -32.10 -7.75 14.12
CA SER A 150 -32.29 -6.47 14.81
C SER A 150 -30.95 -5.93 15.31
N PHE A 151 -29.93 -6.79 15.33
CA PHE A 151 -28.59 -6.39 15.75
C PHE A 151 -27.99 -5.40 14.76
N ALA A 152 -27.55 -4.25 15.27
CA ALA A 152 -26.98 -3.21 14.43
C ALA A 152 -27.87 -3.03 13.20
N GLU A 153 -27.26 -2.79 12.04
CA GLU A 153 -28.05 -2.63 10.82
C GLU A 153 -27.98 -3.88 9.94
N ASN A 154 -27.88 -5.04 10.59
CA ASN A 154 -27.84 -6.33 9.93
C ASN A 154 -26.83 -6.35 8.77
N GLY A 155 -25.82 -5.49 8.86
CA GLY A 155 -24.81 -5.42 7.82
C GLY A 155 -25.40 -5.09 6.48
N ARG A 156 -26.52 -4.35 6.48
CA ARG A 156 -27.18 -3.99 5.24
C ARG A 156 -26.35 -3.11 4.31
N LEU A 157 -26.50 -3.38 3.01
CA LEU A 157 -25.76 -2.65 1.98
C LEU A 157 -26.72 -1.83 1.12
N TYR A 158 -26.39 -0.56 0.93
CA TYR A 158 -27.21 0.33 0.11
C TYR A 158 -26.42 0.82 -1.09
N ASP A 159 -27.14 1.04 -2.19
CA ASP A 159 -26.55 1.57 -3.41
C ASP A 159 -27.11 2.97 -3.60
N ASN A 160 -26.37 3.95 -3.10
CA ASN A 160 -26.78 5.36 -3.16
C ASN A 160 -28.24 5.50 -2.73
N GLY A 161 -28.55 4.96 -1.54
CA GLY A 161 -29.90 5.05 -1.01
C GLY A 161 -30.75 3.80 -1.19
N THR A 162 -30.65 3.16 -2.35
CA THR A 162 -31.45 1.97 -2.63
C THR A 162 -30.86 0.74 -1.94
N LEU A 163 -31.69 0.06 -1.16
CA LEU A 163 -31.26 -1.13 -0.43
C LEU A 163 -31.02 -2.30 -1.37
N LEU A 164 -29.86 -2.93 -1.24
CA LEU A 164 -29.53 -4.09 -2.05
C LEU A 164 -29.84 -5.36 -1.28
N GLY A 165 -29.56 -5.33 0.02
CA GLY A 165 -29.83 -6.48 0.86
C GLY A 165 -29.12 -6.46 2.19
N GLY A 166 -29.50 -7.38 3.07
CA GLY A 166 -28.90 -7.47 4.39
C GLY A 166 -28.35 -8.86 4.61
N TYR A 167 -27.76 -9.10 5.77
CA TYR A 167 -27.18 -10.41 6.04
C TYR A 167 -28.24 -11.49 6.28
N THR A 168 -29.37 -11.09 6.84
CA THR A 168 -30.48 -12.01 7.08
C THR A 168 -31.32 -12.14 5.81
N ASN A 169 -31.69 -13.37 5.47
CA ASN A 169 -32.47 -13.62 4.26
C ASN A 169 -31.70 -13.20 3.01
N ASP A 170 -30.39 -13.43 3.03
CA ASP A 170 -29.54 -13.07 1.91
C ASP A 170 -29.77 -14.02 0.74
N THR A 171 -30.95 -13.94 0.14
CA THR A 171 -31.33 -14.78 -0.99
C THR A 171 -30.48 -14.49 -2.23
N GLN A 172 -30.10 -13.23 -2.39
CA GLN A 172 -29.28 -12.83 -3.55
C GLN A 172 -27.86 -13.35 -3.39
N ASN A 173 -27.51 -13.71 -2.15
CA ASN A 173 -26.18 -14.23 -1.85
C ASN A 173 -25.13 -13.12 -2.02
N LEU A 174 -25.45 -11.95 -1.48
CA LEU A 174 -24.55 -10.81 -1.54
C LEU A 174 -23.38 -11.04 -0.58
N PHE A 175 -23.64 -11.80 0.49
CA PHE A 175 -22.62 -12.07 1.49
C PHE A 175 -22.26 -13.55 1.59
N HIS A 176 -21.21 -13.84 2.35
CA HIS A 176 -20.78 -15.21 2.59
C HIS A 176 -21.50 -15.74 3.83
N HIS A 177 -21.82 -17.02 3.82
CA HIS A 177 -22.50 -17.65 4.97
C HIS A 177 -21.73 -18.92 5.29
N ASN A 178 -20.43 -18.75 5.51
CA ASN A 178 -19.54 -19.88 5.80
C ASN A 178 -19.02 -19.83 7.22
N GLY A 179 -19.63 -18.99 8.06
CA GLY A 179 -19.19 -18.88 9.44
C GLY A 179 -18.10 -17.85 9.61
N GLY A 180 -17.38 -17.92 10.72
CA GLY A 180 -16.30 -16.96 10.98
C GLY A 180 -14.93 -17.58 10.86
N THR A 181 -13.95 -16.77 10.46
CA THR A 181 -12.58 -17.26 10.31
C THR A 181 -11.79 -17.29 11.61
N ASP A 182 -10.86 -18.23 11.70
CA ASP A 182 -9.98 -18.34 12.86
C ASP A 182 -8.56 -18.05 12.37
N PHE A 183 -8.46 -17.53 11.14
CA PHE A 183 -7.18 -17.17 10.55
C PHE A 183 -6.22 -18.36 10.40
N SER A 184 -6.75 -19.58 10.49
CA SER A 184 -5.93 -20.79 10.41
C SER A 184 -5.26 -20.98 9.06
N THR A 185 -5.96 -20.60 7.99
CA THR A 185 -5.38 -20.68 6.64
C THR A 185 -5.86 -19.47 5.84
N THR A 186 -5.13 -19.12 4.80
CA THR A 186 -5.48 -17.98 3.96
C THR A 186 -6.89 -18.15 3.40
N GLU A 187 -7.19 -19.35 2.92
CA GLU A 187 -8.51 -19.65 2.37
C GLU A 187 -9.60 -19.44 3.41
N ASN A 188 -9.33 -19.90 4.63
CA ASN A 188 -10.27 -19.79 5.73
C ASN A 188 -10.54 -18.32 6.07
N GLY A 189 -9.51 -17.48 5.95
CA GLY A 189 -9.67 -16.07 6.25
C GLY A 189 -10.28 -15.23 5.14
N ILE A 190 -10.44 -15.82 3.96
CA ILE A 190 -11.01 -15.11 2.82
C ILE A 190 -12.50 -15.34 2.65
N TYR A 191 -12.93 -16.60 2.78
CA TYR A 191 -14.33 -16.95 2.57
C TYR A 191 -15.18 -17.13 3.82
N LYS A 192 -14.71 -16.60 4.95
CA LYS A 192 -15.47 -16.62 6.18
C LYS A 192 -15.39 -15.22 6.76
N ASN A 193 -16.38 -14.84 7.57
CA ASN A 193 -16.42 -13.49 8.13
C ASN A 193 -15.26 -13.15 9.06
N LEU A 194 -14.84 -11.88 8.99
CA LEU A 194 -13.82 -11.39 9.91
C LEU A 194 -14.62 -10.96 11.12
N TYR A 195 -14.54 -11.74 12.19
CA TYR A 195 -15.29 -11.44 13.40
C TYR A 195 -16.79 -11.55 13.10
N ASP A 196 -17.51 -10.45 13.27
CA ASP A 196 -18.95 -10.44 13.02
C ASP A 196 -19.32 -9.54 11.86
N LEU A 197 -18.31 -9.14 11.09
CA LEU A 197 -18.50 -8.27 9.93
C LEU A 197 -19.04 -9.05 8.74
N ALA A 198 -20.19 -8.62 8.22
CA ALA A 198 -20.82 -9.29 7.09
C ALA A 198 -19.87 -9.33 5.90
N ASP A 199 -19.37 -10.52 5.58
CA ASP A 199 -18.41 -10.68 4.50
C ASP A 199 -19.08 -10.64 3.12
N LEU A 200 -18.70 -9.64 2.32
CA LEU A 200 -19.26 -9.50 0.98
C LEU A 200 -18.76 -10.61 0.06
N ASN A 201 -19.62 -11.00 -0.88
CA ASN A 201 -19.30 -12.07 -1.84
C ASN A 201 -18.97 -11.46 -3.20
N HIS A 202 -17.68 -11.35 -3.49
CA HIS A 202 -17.23 -10.74 -4.74
C HIS A 202 -17.48 -11.59 -5.98
N ASN A 203 -17.98 -12.80 -5.77
CA ASN A 203 -18.31 -13.67 -6.90
C ASN A 203 -19.75 -13.38 -7.31
N ASN A 204 -20.46 -12.60 -6.49
CA ASN A 204 -21.81 -12.19 -6.82
C ASN A 204 -21.66 -11.02 -7.79
N SER A 205 -22.20 -11.20 -8.99
CA SER A 205 -22.09 -10.20 -10.03
C SER A 205 -22.57 -8.81 -9.60
N THR A 206 -23.62 -8.77 -8.78
CA THR A 206 -24.15 -7.50 -8.30
C THR A 206 -23.14 -6.77 -7.40
N VAL A 207 -22.51 -7.51 -6.50
CA VAL A 207 -21.51 -6.95 -5.60
C VAL A 207 -20.28 -6.52 -6.39
N ASP A 208 -19.86 -7.34 -7.33
CA ASP A 208 -18.69 -7.05 -8.15
C ASP A 208 -18.84 -5.73 -8.91
N VAL A 209 -19.95 -5.59 -9.64
CA VAL A 209 -20.18 -4.38 -10.41
C VAL A 209 -20.39 -3.17 -9.51
N TYR A 210 -21.11 -3.37 -8.41
CA TYR A 210 -21.37 -2.28 -7.47
C TYR A 210 -20.09 -1.64 -6.95
N LEU A 211 -19.20 -2.47 -6.43
CA LEU A 211 -17.95 -1.98 -5.88
C LEU A 211 -17.07 -1.28 -6.91
N LYS A 212 -16.98 -1.84 -8.12
CA LYS A 212 -16.17 -1.21 -9.14
C LYS A 212 -16.77 0.14 -9.55
N ASP A 213 -18.09 0.25 -9.56
CA ASP A 213 -18.71 1.54 -9.87
C ASP A 213 -18.44 2.50 -8.73
N ALA A 214 -18.47 1.99 -7.51
CA ALA A 214 -18.26 2.80 -6.32
C ALA A 214 -16.91 3.50 -6.32
N ILE A 215 -15.84 2.74 -6.53
CA ILE A 215 -14.51 3.34 -6.53
C ILE A 215 -14.36 4.40 -7.63
N LYS A 216 -15.02 4.16 -8.76
CA LYS A 216 -14.97 5.11 -9.87
C LYS A 216 -15.46 6.47 -9.44
N MET A 217 -16.51 6.49 -8.61
CA MET A 217 -17.07 7.73 -8.09
C MET A 217 -15.99 8.50 -7.34
N TRP A 218 -15.24 7.79 -6.49
CA TRP A 218 -14.19 8.45 -5.70
C TRP A 218 -13.02 8.87 -6.58
N LEU A 219 -12.76 8.11 -7.64
CA LEU A 219 -11.71 8.48 -8.57
C LEU A 219 -12.11 9.77 -9.27
N ASP A 220 -13.41 9.89 -9.59
CA ASP A 220 -13.90 11.09 -10.25
C ASP A 220 -13.92 12.30 -9.32
N LEU A 221 -13.88 12.05 -8.02
CA LEU A 221 -13.85 13.15 -7.04
C LEU A 221 -12.43 13.67 -6.88
N GLY A 222 -11.47 12.96 -7.47
CA GLY A 222 -10.09 13.42 -7.44
C GLY A 222 -9.11 12.82 -6.44
N ILE A 223 -9.43 11.69 -5.83
CA ILE A 223 -8.49 11.10 -4.89
C ILE A 223 -7.18 10.80 -5.64
N ASP A 224 -6.08 10.73 -4.92
CA ASP A 224 -4.77 10.49 -5.53
C ASP A 224 -4.23 9.10 -5.23
N GLY A 225 -4.91 8.38 -4.32
CA GLY A 225 -4.44 7.06 -3.95
C GLY A 225 -5.46 6.31 -3.13
N ILE A 226 -5.26 5.01 -2.99
CA ILE A 226 -6.18 4.16 -2.23
C ILE A 226 -5.47 3.22 -1.26
N ARG A 227 -6.03 3.08 -0.07
CA ARG A 227 -5.49 2.17 0.93
C ARG A 227 -6.53 1.08 1.12
N MET A 228 -6.26 -0.10 0.57
CA MET A 228 -7.18 -1.24 0.63
C MET A 228 -7.14 -1.97 1.98
N ASP A 229 -8.32 -2.18 2.55
CA ASP A 229 -8.50 -2.83 3.83
C ASP A 229 -8.45 -4.36 3.76
N VAL A 230 -7.83 -4.99 4.75
CA VAL A 230 -7.70 -6.45 4.86
C VAL A 230 -7.62 -7.21 3.53
N VAL A 231 -6.67 -6.87 2.68
CA VAL A 231 -6.56 -7.53 1.39
C VAL A 231 -6.22 -9.01 1.46
N LYS A 232 -5.75 -9.48 2.62
CA LYS A 232 -5.45 -10.89 2.77
C LYS A 232 -6.77 -11.65 2.97
N HIS A 233 -7.87 -10.90 3.10
CA HIS A 233 -9.16 -11.52 3.34
C HIS A 233 -10.18 -11.38 2.22
N MET A 234 -9.69 -11.12 1.01
CA MET A 234 -10.52 -11.03 -0.18
C MET A 234 -9.83 -11.87 -1.25
N PRO A 235 -10.61 -12.44 -2.19
CA PRO A 235 -9.99 -13.26 -3.23
C PRO A 235 -8.93 -12.43 -3.96
N PHE A 236 -7.70 -12.93 -4.03
CA PHE A 236 -6.63 -12.20 -4.69
C PHE A 236 -6.96 -11.97 -6.16
N GLY A 237 -7.59 -12.97 -6.78
CA GLY A 237 -7.96 -12.86 -8.18
C GLY A 237 -8.96 -11.74 -8.40
N TRP A 238 -9.95 -11.62 -7.52
CA TRP A 238 -10.95 -10.58 -7.66
C TRP A 238 -10.31 -9.21 -7.47
N GLN A 239 -9.40 -9.12 -6.52
CA GLN A 239 -8.72 -7.87 -6.24
C GLN A 239 -7.90 -7.42 -7.43
N LYS A 240 -7.33 -8.37 -8.16
CA LYS A 240 -6.56 -8.03 -9.34
C LYS A 240 -7.50 -7.43 -10.38
N SER A 241 -8.70 -8.00 -10.52
CA SER A 241 -9.66 -7.48 -11.49
C SER A 241 -10.16 -6.12 -11.00
N PHE A 242 -10.09 -5.91 -9.69
CA PHE A 242 -10.50 -4.64 -9.11
C PHE A 242 -9.45 -3.58 -9.45
N MET A 243 -8.18 -3.95 -9.30
CA MET A 243 -7.09 -3.04 -9.62
C MET A 243 -7.05 -2.73 -11.11
N ALA A 244 -7.44 -3.70 -11.93
CA ALA A 244 -7.46 -3.50 -13.38
C ALA A 244 -8.56 -2.51 -13.74
N ALA A 245 -9.69 -2.61 -13.04
CA ALA A 245 -10.81 -1.70 -13.29
C ALA A 245 -10.34 -0.28 -12.98
N VAL A 246 -9.61 -0.12 -11.89
CA VAL A 246 -9.09 1.17 -11.47
C VAL A 246 -8.05 1.68 -12.46
N ASN A 247 -7.06 0.84 -12.76
CA ASN A 247 -5.98 1.23 -13.65
C ASN A 247 -6.39 1.44 -15.10
N ASN A 248 -7.41 0.71 -15.55
CA ASN A 248 -7.85 0.85 -16.94
C ASN A 248 -8.81 2.02 -17.08
N TYR A 249 -9.08 2.70 -15.96
CA TYR A 249 -9.96 3.87 -15.94
C TYR A 249 -9.15 5.10 -15.51
N LYS A 250 -8.85 5.18 -14.21
CA LYS A 250 -8.05 6.27 -13.67
C LYS A 250 -7.12 5.68 -12.63
N PRO A 251 -5.92 5.27 -13.05
CA PRO A 251 -4.95 4.67 -12.14
C PRO A 251 -4.45 5.60 -11.04
N VAL A 252 -4.45 5.11 -9.81
CA VAL A 252 -3.93 5.86 -8.67
C VAL A 252 -3.19 4.89 -7.77
N PHE A 253 -2.15 5.39 -7.12
CA PHE A 253 -1.34 4.58 -6.22
C PHE A 253 -2.23 3.84 -5.22
N THR A 254 -2.14 2.53 -5.22
CA THR A 254 -2.97 1.74 -4.31
C THR A 254 -2.10 0.77 -3.51
N PHE A 255 -2.36 0.70 -2.20
CA PHE A 255 -1.64 -0.23 -1.35
C PHE A 255 -2.62 -0.89 -0.40
N GLY A 256 -2.45 -2.19 -0.18
CA GLY A 256 -3.35 -2.91 0.69
C GLY A 256 -2.74 -3.23 2.05
N GLU A 257 -3.60 -3.58 3.00
CA GLU A 257 -3.13 -3.93 4.33
C GLU A 257 -3.11 -5.45 4.51
N TRP A 258 -1.91 -6.00 4.62
CA TRP A 258 -1.71 -7.42 4.83
C TRP A 258 -0.84 -7.53 6.07
N PHE A 259 -1.47 -7.70 7.22
CA PHE A 259 -0.75 -7.80 8.48
C PHE A 259 0.27 -8.94 8.51
N LEU A 260 1.43 -8.65 9.07
CA LEU A 260 2.48 -9.64 9.26
C LEU A 260 2.89 -9.49 10.71
N GLY A 261 3.03 -10.61 11.42
CA GLY A 261 3.43 -10.54 12.81
C GLY A 261 4.94 -10.45 12.96
N VAL A 262 5.42 -10.35 14.19
CA VAL A 262 6.85 -10.28 14.45
C VAL A 262 7.55 -11.50 13.86
N ASN A 263 8.65 -11.25 13.15
CA ASN A 263 9.44 -12.32 12.53
C ASN A 263 8.76 -13.05 11.39
N GLU A 264 7.57 -12.60 10.99
CA GLU A 264 6.89 -13.27 9.90
C GLU A 264 7.29 -12.75 8.52
N VAL A 265 7.72 -13.68 7.67
CA VAL A 265 8.11 -13.39 6.30
C VAL A 265 7.22 -14.31 5.46
N SER A 266 6.29 -13.72 4.71
CA SER A 266 5.33 -14.50 3.94
C SER A 266 5.48 -14.45 2.41
N PRO A 267 5.83 -15.60 1.80
CA PRO A 267 5.98 -15.67 0.35
C PRO A 267 4.69 -15.26 -0.35
N GLU A 268 3.55 -15.59 0.25
CA GLU A 268 2.24 -15.20 -0.30
C GLU A 268 2.16 -13.69 -0.37
N ASN A 269 2.55 -13.05 0.73
CA ASN A 269 2.56 -11.60 0.85
C ASN A 269 3.35 -11.01 -0.32
N HIS A 270 4.55 -11.56 -0.53
CA HIS A 270 5.42 -11.11 -1.62
C HIS A 270 4.73 -11.25 -2.97
N LYS A 271 4.16 -12.43 -3.22
CA LYS A 271 3.49 -12.73 -4.47
C LYS A 271 2.32 -11.78 -4.73
N PHE A 272 1.56 -11.46 -3.67
CA PHE A 272 0.43 -10.55 -3.80
C PHE A 272 0.87 -9.15 -4.21
N ALA A 273 1.95 -8.67 -3.58
CA ALA A 273 2.46 -7.35 -3.89
C ALA A 273 3.05 -7.31 -5.30
N ASN A 274 3.61 -8.45 -5.73
CA ASN A 274 4.26 -8.54 -7.03
C ASN A 274 3.31 -8.78 -8.21
N GLU A 275 2.12 -9.32 -7.93
CA GLU A 275 1.21 -9.70 -9.01
C GLU A 275 -0.23 -9.19 -8.95
N SER A 276 -0.63 -8.56 -7.86
CA SER A 276 -2.02 -8.12 -7.70
C SER A 276 -2.38 -6.81 -8.41
N GLY A 277 -1.40 -5.94 -8.58
CA GLY A 277 -1.70 -4.65 -9.20
C GLY A 277 -1.68 -3.55 -8.15
N MET A 278 -1.37 -3.92 -6.90
CA MET A 278 -1.24 -2.94 -5.84
C MET A 278 -0.02 -3.33 -4.99
N SER A 279 0.47 -2.40 -4.19
CA SER A 279 1.59 -2.70 -3.29
C SER A 279 0.99 -2.94 -1.90
N LEU A 280 1.84 -3.04 -0.89
CA LEU A 280 1.33 -3.32 0.45
C LEU A 280 1.98 -2.46 1.51
N LEU A 281 1.31 -2.36 2.65
CA LEU A 281 1.85 -1.67 3.81
C LEU A 281 2.99 -2.58 4.22
N ASP A 282 4.17 -2.02 4.43
CA ASP A 282 5.35 -2.82 4.76
C ASP A 282 5.43 -3.25 6.22
N PHE A 283 4.64 -4.25 6.60
CA PHE A 283 4.66 -4.73 7.98
C PHE A 283 6.01 -5.37 8.32
N ARG A 284 6.61 -6.06 7.37
CA ARG A 284 7.90 -6.70 7.59
C ARG A 284 8.88 -5.63 8.07
N PHE A 285 8.83 -4.47 7.42
CA PHE A 285 9.70 -3.34 7.76
C PHE A 285 9.35 -2.81 9.15
N ALA A 286 8.08 -2.47 9.35
CA ALA A 286 7.60 -1.92 10.62
C ALA A 286 7.90 -2.82 11.82
N GLN A 287 7.59 -4.12 11.70
CA GLN A 287 7.83 -5.04 12.80
C GLN A 287 9.32 -5.13 13.15
N LYS A 288 10.19 -5.12 12.14
CA LYS A 288 11.62 -5.20 12.39
C LYS A 288 12.10 -3.90 13.05
N VAL A 289 11.56 -2.76 12.60
CA VAL A 289 11.93 -1.48 13.17
C VAL A 289 11.56 -1.43 14.65
N ARG A 290 10.43 -2.02 15.00
CA ARG A 290 9.99 -2.07 16.40
C ARG A 290 10.92 -2.94 17.23
N GLN A 291 11.28 -4.11 16.70
CA GLN A 291 12.19 -5.01 17.40
C GLN A 291 13.51 -4.32 17.70
N VAL A 292 14.08 -3.71 16.65
CA VAL A 292 15.37 -3.06 16.75
C VAL A 292 15.42 -1.75 17.52
N PHE A 293 14.48 -0.85 17.24
CA PHE A 293 14.46 0.46 17.87
C PHE A 293 13.56 0.61 19.10
N ARG A 294 12.53 -0.23 19.20
CA ARG A 294 11.57 -0.09 20.30
C ARG A 294 11.63 -1.13 21.41
N ASP A 295 11.51 -2.40 21.02
CA ASP A 295 11.44 -3.48 21.99
C ASP A 295 12.74 -4.19 22.31
N ASN A 296 13.77 -3.92 21.52
CA ASN A 296 15.08 -4.52 21.78
C ASN A 296 15.06 -6.04 21.67
N THR A 297 14.39 -6.57 20.65
CA THR A 297 14.34 -8.01 20.45
C THR A 297 15.14 -8.46 19.23
N ASP A 298 15.84 -7.53 18.60
CA ASP A 298 16.73 -7.84 17.47
C ASP A 298 17.68 -6.67 17.28
N ASN A 299 18.79 -6.90 16.59
CA ASN A 299 19.79 -5.87 16.37
C ASN A 299 19.90 -5.41 14.91
N MET A 300 20.92 -4.60 14.62
CA MET A 300 21.10 -4.06 13.28
C MET A 300 21.27 -5.12 12.21
N TYR A 301 21.85 -6.26 12.57
CA TYR A 301 22.02 -7.34 11.60
C TYR A 301 20.64 -7.77 11.12
N GLY A 302 19.65 -7.70 12.01
CA GLY A 302 18.29 -8.07 11.65
C GLY A 302 17.68 -6.99 10.75
N LEU A 303 17.99 -5.73 11.04
CA LEU A 303 17.47 -4.63 10.25
C LEU A 303 18.06 -4.75 8.85
N LYS A 304 19.37 -5.00 8.80
CA LYS A 304 20.08 -5.18 7.52
C LYS A 304 19.47 -6.34 6.72
N ALA A 305 19.23 -7.47 7.39
CA ALA A 305 18.65 -8.62 6.70
C ALA A 305 17.27 -8.29 6.12
N MET A 306 16.46 -7.56 6.87
CA MET A 306 15.14 -7.16 6.40
C MET A 306 15.24 -6.28 5.15
N LEU A 307 16.16 -5.31 5.18
CA LEU A 307 16.35 -4.42 4.04
C LEU A 307 16.82 -5.13 2.78
N GLU A 308 17.81 -6.02 2.94
CA GLU A 308 18.34 -6.75 1.79
C GLU A 308 17.35 -7.81 1.33
N GLY A 309 16.67 -8.43 2.29
CA GLY A 309 15.70 -9.45 1.95
C GLY A 309 14.50 -8.89 1.21
N SER A 310 13.88 -7.85 1.76
CA SER A 310 12.71 -7.26 1.14
C SER A 310 13.05 -6.67 -0.22
N ALA A 311 14.26 -6.15 -0.37
CA ALA A 311 14.68 -5.59 -1.66
C ALA A 311 14.72 -6.69 -2.71
N ALA A 312 14.96 -7.93 -2.28
CA ALA A 312 14.99 -9.07 -3.19
C ALA A 312 13.62 -9.71 -3.40
N ASP A 313 12.81 -9.71 -2.34
CA ASP A 313 11.47 -10.33 -2.38
C ASP A 313 10.37 -9.52 -3.05
N TYR A 314 10.46 -8.20 -2.97
CA TYR A 314 9.47 -7.32 -3.59
C TYR A 314 9.98 -6.82 -4.94
N ALA A 315 9.23 -7.10 -6.00
CA ALA A 315 9.61 -6.66 -7.34
C ALA A 315 9.68 -5.13 -7.38
N GLN A 316 8.81 -4.48 -6.61
CA GLN A 316 8.82 -3.02 -6.51
C GLN A 316 8.84 -2.65 -5.02
N VAL A 317 9.99 -2.91 -4.38
CA VAL A 317 10.13 -2.62 -2.96
C VAL A 317 9.84 -1.16 -2.68
N ASP A 318 10.08 -0.32 -3.67
CA ASP A 318 9.89 1.13 -3.55
C ASP A 318 8.42 1.56 -3.45
N ASP A 319 7.50 0.63 -3.71
CA ASP A 319 6.07 0.94 -3.62
C ASP A 319 5.46 0.50 -2.28
N GLN A 320 6.28 -0.10 -1.43
CA GLN A 320 5.78 -0.56 -0.14
C GLN A 320 5.67 0.61 0.84
N VAL A 321 4.53 0.71 1.52
CA VAL A 321 4.29 1.81 2.45
C VAL A 321 4.81 1.47 3.85
N THR A 322 5.90 2.14 4.22
CA THR A 322 6.54 1.90 5.50
C THR A 322 5.96 2.75 6.63
N PHE A 323 6.13 2.26 7.86
CA PHE A 323 5.61 2.94 9.04
C PHE A 323 6.23 2.31 10.29
N ILE A 324 6.05 2.96 11.44
CA ILE A 324 6.57 2.42 12.70
C ILE A 324 5.43 2.04 13.64
N ASP A 325 4.21 2.46 13.31
CA ASP A 325 3.00 2.09 14.04
C ASP A 325 1.77 2.52 13.27
N ASN A 326 0.60 2.16 13.78
CA ASN A 326 -0.67 2.53 13.17
C ASN A 326 -1.80 2.32 14.17
N HIS A 327 -3.04 2.38 13.68
CA HIS A 327 -4.23 2.25 14.51
C HIS A 327 -4.52 0.83 15.02
N ASP A 328 -3.70 -0.14 14.62
CA ASP A 328 -3.90 -1.52 15.06
C ASP A 328 -2.70 -2.04 15.85
N MET A 329 -1.88 -1.12 16.35
CA MET A 329 -0.71 -1.47 17.15
C MET A 329 -0.60 -0.46 18.28
N GLU A 330 0.16 -0.79 19.31
CA GLU A 330 0.39 0.14 20.40
C GLU A 330 1.30 1.23 19.83
N ARG A 331 1.07 2.48 20.24
CA ARG A 331 1.90 3.58 19.78
C ARG A 331 3.37 3.20 19.93
N PHE A 332 4.20 3.62 18.98
CA PHE A 332 5.62 3.30 19.05
C PHE A 332 6.20 3.85 20.35
N HIS A 333 5.84 5.08 20.68
CA HIS A 333 6.37 5.72 21.89
C HIS A 333 5.67 5.29 23.18
N ALA A 334 6.41 4.63 24.05
CA ALA A 334 5.90 4.20 25.34
C ALA A 334 6.12 5.37 26.31
N SER A 335 5.14 5.61 27.17
CA SER A 335 5.18 6.71 28.14
C SER A 335 6.51 6.87 28.88
N ASN A 336 7.09 5.76 29.31
CA ASN A 336 8.33 5.80 30.09
C ASN A 336 9.59 5.56 29.26
N ALA A 337 9.47 5.64 27.94
CA ALA A 337 10.62 5.41 27.07
C ALA A 337 11.34 6.69 26.67
N ASN A 338 12.61 6.54 26.28
CA ASN A 338 13.42 7.66 25.84
C ASN A 338 12.87 8.05 24.47
N ARG A 339 12.56 9.34 24.30
CA ARG A 339 11.99 9.84 23.06
C ARG A 339 12.89 9.66 21.83
N ARG A 340 14.18 9.49 22.06
CA ARG A 340 15.13 9.32 20.96
C ARG A 340 14.84 8.05 20.15
N LYS A 341 14.25 7.05 20.80
CA LYS A 341 13.94 5.79 20.11
C LYS A 341 12.91 6.04 19.00
N LEU A 342 11.90 6.84 19.29
CA LEU A 342 10.89 7.17 18.30
C LEU A 342 11.52 8.05 17.23
N GLU A 343 12.33 9.01 17.65
CA GLU A 343 12.99 9.93 16.73
C GLU A 343 13.90 9.22 15.73
N GLN A 344 14.69 8.24 16.21
CA GLN A 344 15.57 7.49 15.32
C GLN A 344 14.77 6.63 14.34
N ALA A 345 13.74 5.95 14.84
CA ALA A 345 12.91 5.09 14.02
C ALA A 345 12.25 5.92 12.92
N LEU A 346 11.90 7.15 13.28
CA LEU A 346 11.28 8.08 12.36
C LEU A 346 12.29 8.48 11.28
N ALA A 347 13.48 8.89 11.71
CA ALA A 347 14.53 9.31 10.79
C ALA A 347 14.88 8.16 9.84
N PHE A 348 14.89 6.94 10.37
CA PHE A 348 15.22 5.76 9.59
C PHE A 348 14.16 5.53 8.51
N THR A 349 12.90 5.61 8.89
CA THR A 349 11.81 5.39 7.97
C THR A 349 11.76 6.44 6.86
N LEU A 350 11.93 7.71 7.23
CA LEU A 350 11.90 8.81 6.27
C LEU A 350 13.03 8.78 5.24
N THR A 351 14.12 8.07 5.55
CA THR A 351 15.25 7.99 4.62
C THR A 351 15.43 6.63 3.99
N SER A 352 14.54 5.70 4.29
CA SER A 352 14.62 4.36 3.73
C SER A 352 13.73 4.27 2.50
N ARG A 353 13.89 3.19 1.75
CA ARG A 353 13.14 2.95 0.52
C ARG A 353 11.65 2.77 0.77
N GLY A 354 10.85 3.02 -0.27
CA GLY A 354 9.41 2.86 -0.15
C GLY A 354 8.64 4.16 -0.05
N VAL A 355 7.51 4.10 0.65
CA VAL A 355 6.63 5.25 0.84
C VAL A 355 6.32 5.37 2.33
N PRO A 356 7.04 6.26 3.03
CA PRO A 356 6.79 6.42 4.47
C PRO A 356 5.42 7.00 4.84
N ALA A 357 4.82 6.38 5.86
CA ALA A 357 3.53 6.83 6.38
C ALA A 357 3.71 7.11 7.87
N ILE A 358 3.21 8.26 8.32
CA ILE A 358 3.32 8.63 9.72
C ILE A 358 1.94 8.72 10.35
N TYR A 359 1.72 7.89 11.37
CA TYR A 359 0.45 7.87 12.08
C TYR A 359 0.28 9.19 12.84
N TYR A 360 -0.83 9.88 12.60
CA TYR A 360 -1.08 11.18 13.21
C TYR A 360 -0.77 11.15 14.70
N GLY A 361 -0.17 12.22 15.20
CA GLY A 361 0.14 12.30 16.61
C GLY A 361 1.52 11.78 16.98
N THR A 362 2.14 11.05 16.06
CA THR A 362 3.48 10.50 16.30
C THR A 362 4.44 11.63 16.65
N GLU A 363 4.29 12.75 15.94
CA GLU A 363 5.15 13.91 16.14
C GLU A 363 4.86 14.62 17.46
N GLN A 364 3.83 14.16 18.16
CA GLN A 364 3.47 14.75 19.45
C GLN A 364 3.75 13.75 20.58
N TYR A 365 4.46 12.68 20.23
CA TYR A 365 4.85 11.64 21.20
C TYR A 365 3.67 10.96 21.88
N MET A 366 2.55 10.83 21.16
CA MET A 366 1.39 10.17 21.74
C MET A 366 1.71 8.72 22.11
N SER A 367 1.25 8.31 23.29
CA SER A 367 1.45 6.95 23.77
C SER A 367 0.08 6.31 23.88
N GLY A 368 0.04 4.98 23.85
CA GLY A 368 -1.24 4.31 23.95
C GLY A 368 -1.15 2.88 23.50
N GLY A 369 -1.87 2.01 24.20
CA GLY A 369 -1.86 0.60 23.87
C GLY A 369 -2.70 0.29 22.65
N THR A 370 -3.17 -0.94 22.58
CA THR A 370 -3.98 -1.39 21.45
C THR A 370 -5.33 -0.68 21.39
N ASP A 371 -6.00 -0.83 20.25
CA ASP A 371 -7.31 -0.24 20.00
C ASP A 371 -8.19 -0.34 21.25
N PRO A 372 -8.86 0.77 21.64
CA PRO A 372 -8.85 2.09 21.00
C PRO A 372 -7.88 3.09 21.61
N ASP A 373 -7.07 2.65 22.56
CA ASP A 373 -6.14 3.55 23.24
C ASP A 373 -5.10 4.22 22.37
N ASN A 374 -4.91 3.69 21.16
CA ASN A 374 -3.94 4.26 20.22
C ASN A 374 -4.61 5.27 19.28
N ARG A 375 -5.89 5.53 19.52
CA ARG A 375 -6.66 6.43 18.67
C ARG A 375 -7.20 7.65 19.43
N ALA A 376 -6.39 8.18 20.33
CA ALA A 376 -6.78 9.34 21.10
C ALA A 376 -6.76 10.57 20.20
N ARG A 377 -7.44 11.63 20.63
CA ARG A 377 -7.45 12.87 19.89
C ARG A 377 -6.04 13.42 19.96
N ILE A 378 -5.56 13.98 18.86
CA ILE A 378 -4.22 14.55 18.88
C ILE A 378 -4.27 15.64 19.95
N PRO A 379 -3.38 15.57 20.96
CA PRO A 379 -3.31 16.52 22.08
C PRO A 379 -2.68 17.87 21.80
N SER A 380 -2.02 18.01 20.65
CA SER A 380 -1.35 19.26 20.36
C SER A 380 -1.02 19.46 18.88
N PHE A 381 -0.90 20.72 18.49
CA PHE A 381 -0.53 21.08 17.12
C PHE A 381 0.71 21.94 17.18
N SER A 382 1.61 21.59 18.09
CA SER A 382 2.87 22.30 18.25
C SER A 382 3.88 21.88 17.19
N THR A 383 4.65 22.85 16.71
CA THR A 383 5.67 22.57 15.70
C THR A 383 7.04 22.52 16.36
N SER A 384 7.06 22.63 17.69
CA SER A 384 8.31 22.68 18.43
C SER A 384 8.88 21.37 18.99
N THR A 385 8.19 20.26 18.77
CA THR A 385 8.71 18.98 19.26
C THR A 385 9.88 18.54 18.38
N THR A 386 10.81 17.82 18.97
CA THR A 386 11.97 17.31 18.25
C THR A 386 11.52 16.41 17.09
N ALA A 387 10.53 15.57 17.33
CA ALA A 387 10.02 14.65 16.31
C ALA A 387 9.45 15.41 15.11
N TYR A 388 8.78 16.53 15.38
CA TYR A 388 8.21 17.35 14.32
C TYR A 388 9.34 17.92 13.46
N GLN A 389 10.38 18.41 14.12
CA GLN A 389 11.55 18.95 13.43
C GLN A 389 12.29 17.89 12.63
N VAL A 390 12.32 16.66 13.14
CA VAL A 390 12.98 15.56 12.45
C VAL A 390 12.30 15.36 11.09
N ILE A 391 10.97 15.28 11.12
CA ILE A 391 10.17 15.08 9.92
C ILE A 391 10.30 16.26 8.98
N GLN A 392 10.40 17.45 9.56
CA GLN A 392 10.52 18.69 8.81
C GLN A 392 11.81 18.74 8.01
N LYS A 393 12.90 18.27 8.62
CA LYS A 393 14.19 18.28 7.95
C LYS A 393 14.40 17.12 6.98
N LEU A 394 13.75 16.00 7.24
CA LEU A 394 13.94 14.81 6.40
C LEU A 394 12.90 14.52 5.33
N ALA A 395 11.64 14.85 5.60
CA ALA A 395 10.59 14.59 4.61
C ALA A 395 10.88 15.22 3.25
N PRO A 396 11.30 16.50 3.23
CA PRO A 396 11.59 17.18 1.96
C PRO A 396 12.70 16.52 1.13
N LEU A 397 13.58 15.78 1.79
CA LEU A 397 14.66 15.11 1.08
C LEU A 397 14.15 14.11 0.06
N ARG A 398 12.95 13.58 0.27
CA ARG A 398 12.41 12.60 -0.68
C ARG A 398 12.09 13.28 -2.01
N LYS A 399 11.90 14.60 -1.96
CA LYS A 399 11.61 15.40 -3.14
C LYS A 399 12.90 15.92 -3.79
N SER A 400 13.80 16.46 -2.96
CA SER A 400 15.05 17.02 -3.45
C SER A 400 16.16 16.01 -3.76
N ASN A 401 16.14 14.86 -3.07
CA ASN A 401 17.16 13.85 -3.30
C ASN A 401 16.55 12.54 -3.77
N PRO A 402 16.55 12.29 -5.10
CA PRO A 402 15.99 11.08 -5.69
C PRO A 402 16.63 9.78 -5.19
N ALA A 403 17.79 9.90 -4.56
CA ALA A 403 18.47 8.73 -4.01
C ALA A 403 17.62 8.16 -2.89
N ILE A 404 16.97 9.04 -2.14
CA ILE A 404 16.12 8.61 -1.03
C ILE A 404 14.77 8.11 -1.52
N ALA A 405 14.29 8.68 -2.63
CA ALA A 405 13.00 8.27 -3.19
C ALA A 405 13.07 7.00 -4.02
N TYR A 406 14.12 6.87 -4.82
CA TYR A 406 14.25 5.73 -5.73
C TYR A 406 15.52 4.90 -5.56
N GLY A 407 16.43 5.37 -4.73
CA GLY A 407 17.72 4.72 -4.58
C GLY A 407 17.79 3.31 -4.04
N SER A 408 18.89 2.64 -4.37
CA SER A 408 19.18 1.30 -3.88
C SER A 408 19.63 1.47 -2.43
N THR A 409 19.67 0.37 -1.69
CA THR A 409 20.08 0.43 -0.29
C THR A 409 21.27 -0.48 -0.05
N GLN A 410 22.32 0.07 0.55
CA GLN A 410 23.53 -0.70 0.81
C GLN A 410 24.14 -0.41 2.19
N GLU A 411 24.39 -1.47 2.96
CA GLU A 411 25.01 -1.34 4.26
C GLU A 411 26.48 -0.97 4.06
N ARG A 412 26.94 0.07 4.72
CA ARG A 412 28.33 0.47 4.56
C ARG A 412 29.13 0.40 5.87
N TRP A 413 28.44 0.17 6.98
CA TRP A 413 29.08 0.01 8.28
C TRP A 413 28.04 -0.60 9.23
N ILE A 414 28.45 -1.53 10.08
CA ILE A 414 27.48 -2.16 10.97
C ILE A 414 28.03 -2.99 12.13
N ASN A 415 27.27 -2.99 13.22
CA ASN A 415 27.55 -3.84 14.37
C ASN A 415 26.22 -3.99 15.10
N ASN A 416 26.23 -4.58 16.29
CA ASN A 416 24.99 -4.77 17.02
C ASN A 416 24.09 -3.53 17.06
N ASP A 417 24.68 -2.39 17.41
CA ASP A 417 23.91 -1.17 17.60
C ASP A 417 23.99 -0.11 16.52
N VAL A 418 24.91 -0.27 15.57
CA VAL A 418 25.09 0.74 14.55
C VAL A 418 24.83 0.25 13.13
N LEU A 419 24.15 1.09 12.36
CA LEU A 419 23.92 0.80 10.95
C LEU A 419 24.08 2.10 10.18
N ILE A 420 25.00 2.07 9.23
CA ILE A 420 25.19 3.20 8.35
C ILE A 420 24.89 2.64 6.97
N TYR A 421 23.82 3.15 6.35
CA TYR A 421 23.47 2.67 5.03
C TYR A 421 23.53 3.78 4.01
N GLU A 422 23.62 3.39 2.74
CA GLU A 422 23.71 4.35 1.65
C GLU A 422 22.60 4.17 0.63
N ARG A 423 22.01 5.28 0.21
CA ARG A 423 20.98 5.29 -0.82
C ARG A 423 21.66 5.92 -2.03
N LYS A 424 21.42 5.36 -3.22
CA LYS A 424 22.04 5.87 -4.43
C LYS A 424 21.13 5.76 -5.65
N PHE A 425 21.11 6.82 -6.46
CA PHE A 425 20.31 6.88 -7.67
C PHE A 425 20.91 7.93 -8.59
N GLY A 426 21.57 7.48 -9.65
CA GLY A 426 22.20 8.42 -10.56
C GLY A 426 23.27 9.20 -9.81
N SER A 427 23.40 10.49 -10.12
CA SER A 427 24.39 11.33 -9.44
C SER A 427 23.78 11.86 -8.14
N ASN A 428 23.23 10.96 -7.34
CA ASN A 428 22.61 11.34 -6.08
C ASN A 428 22.91 10.30 -5.01
N VAL A 429 23.34 10.77 -3.85
CA VAL A 429 23.71 9.90 -2.74
C VAL A 429 23.23 10.44 -1.41
N ALA A 430 22.91 9.53 -0.51
CA ALA A 430 22.51 9.87 0.86
C ALA A 430 23.07 8.78 1.76
N VAL A 431 23.76 9.20 2.81
CA VAL A 431 24.33 8.26 3.77
C VAL A 431 23.69 8.54 5.11
N VAL A 432 23.17 7.51 5.75
CA VAL A 432 22.50 7.66 7.04
C VAL A 432 23.18 6.80 8.09
N ALA A 433 23.52 7.42 9.21
CA ALA A 433 24.16 6.71 10.32
C ALA A 433 23.22 6.71 11.52
N VAL A 434 23.01 5.53 12.10
CA VAL A 434 22.16 5.39 13.27
C VAL A 434 22.82 4.53 14.33
N ASN A 435 22.81 5.03 15.56
CA ASN A 435 23.37 4.32 16.71
C ASN A 435 22.22 4.18 17.72
N ARG A 436 21.61 3.01 17.76
CA ARG A 436 20.49 2.75 18.66
C ARG A 436 20.90 2.73 20.13
N ASN A 437 22.18 2.54 20.39
CA ASN A 437 22.67 2.49 21.76
C ASN A 437 22.59 3.87 22.41
N LEU A 438 21.69 4.02 23.37
CA LEU A 438 21.49 5.29 24.06
C LEU A 438 22.54 5.61 25.12
N ASN A 439 23.37 4.63 25.46
CA ASN A 439 24.39 4.87 26.48
C ASN A 439 25.82 4.64 26.03
N ALA A 440 26.00 4.25 24.78
CA ALA A 440 27.34 3.95 24.29
C ALA A 440 27.69 4.55 22.95
N PRO A 441 28.74 5.38 22.91
CA PRO A 441 29.18 6.01 21.65
C PRO A 441 29.75 4.91 20.76
N ALA A 442 29.97 5.22 19.50
CA ALA A 442 30.52 4.25 18.56
C ALA A 442 31.64 4.92 17.79
N SER A 443 32.76 4.23 17.67
CA SER A 443 33.91 4.76 16.95
C SER A 443 33.84 4.23 15.51
N ILE A 444 33.49 5.10 14.57
CA ILE A 444 33.38 4.66 13.19
C ILE A 444 34.64 4.95 12.35
N SER A 445 35.32 3.87 11.98
CA SER A 445 36.51 3.97 11.14
C SER A 445 36.36 2.95 10.03
N GLY A 446 36.89 3.25 8.85
CA GLY A 446 36.78 2.34 7.73
C GLY A 446 35.52 2.53 6.90
N LEU A 447 34.75 3.57 7.19
CA LEU A 447 33.53 3.83 6.44
C LEU A 447 33.85 4.31 5.03
N VAL A 448 33.31 3.62 4.04
CA VAL A 448 33.50 3.96 2.64
C VAL A 448 32.13 4.29 2.04
N THR A 449 32.06 5.38 1.26
CA THR A 449 30.81 5.80 0.65
C THR A 449 31.02 6.14 -0.83
N SER A 450 29.94 6.54 -1.48
CA SER A 450 30.00 6.96 -2.88
C SER A 450 29.92 8.49 -2.90
N LEU A 451 30.11 9.11 -1.74
CA LEU A 451 30.07 10.56 -1.63
C LEU A 451 31.33 11.21 -2.19
N PRO A 452 31.17 12.31 -2.93
CA PRO A 452 32.33 13.00 -3.49
C PRO A 452 33.19 13.56 -2.36
N GLN A 453 34.46 13.80 -2.64
CA GLN A 453 35.38 14.31 -1.64
C GLN A 453 34.92 15.64 -1.06
N GLY A 454 35.03 15.79 0.26
CA GLY A 454 34.64 17.04 0.89
C GLY A 454 34.04 16.88 2.28
N SER A 455 33.58 18.01 2.83
CA SER A 455 32.98 18.02 4.16
C SER A 455 31.46 18.09 4.02
N TYR A 456 30.75 17.30 4.83
CA TYR A 456 29.29 17.24 4.78
C TYR A 456 28.66 17.52 6.13
N ASN A 457 27.78 18.52 6.17
CA ASN A 457 27.09 18.83 7.41
C ASN A 457 25.90 17.91 7.57
N ASP A 458 25.64 17.52 8.82
CA ASP A 458 24.51 16.66 9.11
C ASP A 458 23.23 17.40 8.74
N VAL A 459 22.42 16.79 7.88
CA VAL A 459 21.17 17.40 7.45
C VAL A 459 20.25 17.66 8.64
N LEU A 460 20.37 16.83 9.67
CA LEU A 460 19.56 17.00 10.87
C LEU A 460 20.10 18.14 11.73
N GLY A 461 21.17 18.76 11.28
CA GLY A 461 21.77 19.88 12.00
C GLY A 461 22.19 19.57 13.43
N GLY A 462 22.50 18.31 13.71
CA GLY A 462 22.91 17.93 15.05
C GLY A 462 21.73 17.71 15.96
N LEU A 463 20.53 17.86 15.43
CA LEU A 463 19.30 17.69 16.21
C LEU A 463 19.28 16.38 16.99
N LEU A 464 19.76 15.30 16.37
CA LEU A 464 19.78 14.00 17.04
C LEU A 464 21.22 13.60 17.32
N ASN A 465 22.03 14.59 17.67
CA ASN A 465 23.44 14.41 17.98
C ASN A 465 24.26 13.89 16.80
N GLY A 466 23.83 14.24 15.60
CA GLY A 466 24.57 13.84 14.42
C GLY A 466 25.84 14.67 14.33
N ASN A 467 26.71 14.35 13.38
CA ASN A 467 27.97 15.08 13.25
C ASN A 467 28.32 15.37 11.80
N THR A 468 29.38 16.14 11.62
CA THR A 468 29.87 16.47 10.30
C THR A 468 30.74 15.32 9.82
N LEU A 469 30.65 15.02 8.53
CA LEU A 469 31.42 13.93 7.93
C LEU A 469 32.49 14.49 7.00
N SER A 470 33.66 13.87 7.02
CA SER A 470 34.77 14.27 6.15
C SER A 470 35.10 13.12 5.22
N VAL A 471 34.93 13.34 3.92
CA VAL A 471 35.18 12.29 2.94
C VAL A 471 36.39 12.65 2.07
N GLY A 472 37.31 11.71 1.94
CA GLY A 472 38.49 11.96 1.12
C GLY A 472 38.21 11.49 -0.30
N SER A 473 39.26 11.14 -1.02
CA SER A 473 39.11 10.63 -2.37
C SER A 473 38.78 9.15 -2.20
N GLY A 474 38.03 8.59 -3.14
CA GLY A 474 37.66 7.19 -3.02
C GLY A 474 36.44 7.01 -2.14
N GLY A 475 35.91 8.11 -1.62
CA GLY A 475 34.73 8.04 -0.79
C GLY A 475 34.96 7.58 0.64
N ALA A 476 36.22 7.43 1.02
CA ALA A 476 36.54 6.98 2.37
C ALA A 476 36.39 8.13 3.37
N ALA A 477 35.62 7.89 4.42
CA ALA A 477 35.40 8.91 5.44
C ALA A 477 36.48 8.79 6.51
N SER A 478 36.90 9.92 7.05
CA SER A 478 37.91 9.88 8.11
C SER A 478 37.21 9.55 9.43
N ASN A 479 37.95 8.90 10.33
CA ASN A 479 37.42 8.47 11.61
C ASN A 479 36.55 9.52 12.31
N PHE A 480 35.44 9.07 12.89
CA PHE A 480 34.58 9.96 13.64
C PHE A 480 33.84 9.20 14.73
N THR A 481 33.38 9.94 15.73
CA THR A 481 32.62 9.36 16.83
C THR A 481 31.14 9.52 16.56
N LEU A 482 30.41 8.42 16.57
CA LEU A 482 28.96 8.48 16.41
C LEU A 482 28.40 8.45 17.84
N ALA A 483 27.86 9.57 18.28
CA ALA A 483 27.34 9.71 19.64
C ALA A 483 26.29 8.69 20.02
N ALA A 484 26.11 8.51 21.33
CA ALA A 484 25.09 7.61 21.84
C ALA A 484 23.75 8.10 21.33
N GLY A 485 22.94 7.21 20.78
CA GLY A 485 21.66 7.61 20.24
C GLY A 485 21.81 8.53 19.03
N GLY A 486 23.05 8.66 18.55
CA GLY A 486 23.32 9.52 17.42
C GLY A 486 22.68 9.10 16.12
N THR A 487 22.20 10.08 15.35
CA THR A 487 21.57 9.84 14.07
C THR A 487 22.00 10.96 13.16
N ALA A 488 22.61 10.63 12.02
CA ALA A 488 23.09 11.64 11.10
C ALA A 488 22.74 11.33 9.65
N VAL A 489 22.65 12.37 8.84
CA VAL A 489 22.33 12.23 7.43
C VAL A 489 23.21 13.14 6.59
N TRP A 490 23.91 12.54 5.63
CA TRP A 490 24.79 13.26 4.74
C TRP A 490 24.31 12.97 3.33
N GLN A 491 24.34 13.99 2.47
CA GLN A 491 23.84 13.82 1.11
C GLN A 491 24.61 14.61 0.06
N TYR A 492 24.37 14.26 -1.19
CA TYR A 492 24.98 14.91 -2.34
C TYR A 492 24.02 14.76 -3.51
N THR A 493 23.71 15.86 -4.17
CA THR A 493 22.81 15.82 -5.32
C THR A 493 23.43 16.62 -6.45
N ALA A 494 23.16 16.18 -7.67
CA ALA A 494 23.66 16.84 -8.86
C ALA A 494 22.86 16.30 -10.04
N ALA A 495 22.95 16.97 -11.18
CA ALA A 495 22.23 16.55 -12.37
C ALA A 495 22.73 15.19 -12.83
N THR A 496 21.81 14.33 -13.26
CA THR A 496 22.18 13.02 -13.76
C THR A 496 22.24 13.09 -15.28
N ALA A 497 23.34 12.61 -15.84
CA ALA A 497 23.55 12.66 -17.29
C ALA A 497 22.78 11.61 -18.07
N THR A 498 22.81 10.38 -17.58
CA THR A 498 22.16 9.27 -18.26
C THR A 498 20.74 9.00 -17.79
N PRO A 499 19.87 8.56 -18.71
CA PRO A 499 18.48 8.25 -18.36
C PRO A 499 18.46 7.19 -17.28
N THR A 500 17.76 7.47 -16.18
CA THR A 500 17.66 6.52 -15.10
C THR A 500 16.22 6.47 -14.62
N ILE A 501 15.62 5.29 -14.70
CA ILE A 501 14.25 5.09 -14.27
C ILE A 501 14.22 4.74 -12.78
N GLY A 502 13.48 5.54 -12.01
CA GLY A 502 13.39 5.27 -10.59
C GLY A 502 12.04 4.69 -10.19
N HIS A 503 11.04 4.83 -11.05
CA HIS A 503 9.72 4.33 -10.72
C HIS A 503 8.79 4.29 -11.94
N VAL A 504 7.83 3.36 -11.91
CA VAL A 504 6.86 3.22 -12.99
C VAL A 504 5.50 2.94 -12.37
N GLY A 505 4.47 3.59 -12.90
CA GLY A 505 3.13 3.37 -12.39
C GLY A 505 2.04 3.79 -13.36
N PRO A 506 0.94 3.03 -13.45
CA PRO A 506 0.75 1.80 -12.67
C PRO A 506 1.58 0.67 -13.27
N MET A 507 1.68 -0.45 -12.57
CA MET A 507 2.47 -1.58 -13.04
C MET A 507 1.65 -2.67 -13.73
N MET A 508 0.37 -2.40 -13.94
CA MET A 508 -0.52 -3.38 -14.56
C MET A 508 -1.69 -2.67 -15.24
N ALA A 509 -1.84 -2.86 -16.55
CA ALA A 509 -2.93 -2.24 -17.28
C ALA A 509 -2.99 -2.75 -18.72
N LYS A 510 -4.08 -2.43 -19.42
CA LYS A 510 -4.26 -2.85 -20.80
C LYS A 510 -3.70 -1.80 -21.77
N PRO A 511 -3.48 -2.19 -23.03
CA PRO A 511 -2.95 -1.23 -24.02
C PRO A 511 -3.83 0.03 -24.09
N GLY A 512 -3.21 1.18 -24.36
CA GLY A 512 -3.97 2.42 -24.46
C GLY A 512 -3.96 3.23 -23.17
N VAL A 513 -3.71 2.55 -22.05
CA VAL A 513 -3.66 3.22 -20.77
C VAL A 513 -2.34 3.97 -20.68
N THR A 514 -2.36 5.15 -20.05
CA THR A 514 -1.16 5.95 -19.90
C THR A 514 -0.45 5.62 -18.60
N ILE A 515 0.83 5.30 -18.69
CA ILE A 515 1.62 5.00 -17.50
C ILE A 515 2.61 6.13 -17.27
N THR A 516 3.12 6.20 -16.05
CA THR A 516 4.05 7.26 -15.69
C THR A 516 5.42 6.70 -15.37
N ILE A 517 6.42 7.18 -16.09
CA ILE A 517 7.81 6.74 -15.89
C ILE A 517 8.58 7.90 -15.28
N ASP A 518 8.98 7.75 -14.03
CA ASP A 518 9.71 8.78 -13.31
C ASP A 518 11.17 8.44 -13.03
N GLY A 519 12.00 9.47 -12.91
CA GLY A 519 13.41 9.28 -12.65
C GLY A 519 14.22 10.53 -12.92
N ARG A 520 15.42 10.35 -13.48
CA ARG A 520 16.30 11.48 -13.79
C ARG A 520 17.04 11.23 -15.10
N GLY A 521 17.48 12.31 -15.74
CA GLY A 521 18.26 12.20 -16.95
C GLY A 521 17.55 11.81 -18.23
N PHE A 522 16.22 11.91 -18.27
CA PHE A 522 15.49 11.55 -19.48
C PHE A 522 15.72 12.58 -20.58
N GLY A 523 16.09 13.79 -20.19
CA GLY A 523 16.31 14.84 -21.17
C GLY A 523 15.01 15.57 -21.44
N SER A 524 15.09 16.73 -22.10
CA SER A 524 13.89 17.50 -22.39
C SER A 524 13.20 17.13 -23.71
N SER A 525 13.94 16.50 -24.62
CA SER A 525 13.38 16.09 -25.91
C SER A 525 12.88 14.65 -25.87
N LYS A 526 11.73 14.39 -26.49
CA LYS A 526 11.17 13.05 -26.53
C LYS A 526 12.18 12.03 -27.03
N GLY A 527 12.31 10.93 -26.30
CA GLY A 527 13.21 9.86 -26.70
C GLY A 527 12.38 8.66 -27.12
N THR A 528 12.76 7.48 -26.63
CA THR A 528 12.02 6.26 -26.98
C THR A 528 11.70 5.47 -25.71
N VAL A 529 10.54 4.81 -25.71
CA VAL A 529 10.14 3.98 -24.58
C VAL A 529 10.00 2.56 -25.07
N TYR A 530 10.54 1.61 -24.31
CA TYR A 530 10.46 0.21 -24.72
C TYR A 530 9.65 -0.66 -23.78
N PHE A 531 8.81 -1.50 -24.38
CA PHE A 531 8.02 -2.48 -23.65
C PHE A 531 8.58 -3.78 -24.20
N GLY A 532 9.56 -4.32 -23.50
CA GLY A 532 10.23 -5.51 -24.01
C GLY A 532 11.06 -5.01 -25.17
N THR A 533 10.92 -5.66 -26.32
CA THR A 533 11.66 -5.24 -27.51
C THR A 533 10.90 -4.18 -28.30
N THR A 534 9.61 -4.01 -28.00
CA THR A 534 8.78 -3.05 -28.73
C THR A 534 9.11 -1.59 -28.43
N ALA A 535 9.30 -0.82 -29.49
CA ALA A 535 9.64 0.59 -29.36
C ALA A 535 8.43 1.48 -29.55
N VAL A 536 8.30 2.46 -28.65
CA VAL A 536 7.21 3.42 -28.69
C VAL A 536 7.85 4.80 -28.71
N SER A 537 7.48 5.61 -29.70
CA SER A 537 8.00 6.96 -29.80
C SER A 537 6.98 7.85 -30.48
N GLY A 538 7.19 9.16 -30.44
CA GLY A 538 6.26 10.06 -31.08
C GLY A 538 5.01 10.35 -30.28
N ALA A 539 3.88 10.41 -30.97
CA ALA A 539 2.59 10.77 -30.40
C ALA A 539 2.10 9.97 -29.19
N ASP A 540 2.39 8.67 -29.15
CA ASP A 540 1.94 7.87 -28.00
C ASP A 540 2.70 8.23 -26.72
N ILE A 541 3.79 8.99 -26.89
CA ILE A 541 4.50 9.51 -25.72
C ILE A 541 3.82 10.86 -25.54
N THR A 542 2.77 10.90 -24.72
CA THR A 542 1.99 12.11 -24.50
C THR A 542 2.83 13.31 -24.07
N SER A 543 3.77 13.10 -23.18
CA SER A 543 4.65 14.17 -22.73
C SER A 543 5.96 13.60 -22.23
N TRP A 544 7.00 14.43 -22.25
CA TRP A 544 8.33 13.98 -21.86
C TRP A 544 9.20 15.11 -21.33
N GLU A 545 9.78 14.90 -20.15
CA GLU A 545 10.70 15.87 -19.58
C GLU A 545 11.73 15.10 -18.75
N ASP A 546 12.77 15.79 -18.30
CA ASP A 546 13.87 15.13 -17.61
C ASP A 546 13.53 14.13 -16.51
N THR A 547 12.48 14.40 -15.72
CA THR A 547 12.15 13.50 -14.63
C THR A 547 10.85 12.74 -14.78
N GLN A 548 10.09 13.00 -15.84
CA GLN A 548 8.82 12.30 -16.00
C GLN A 548 8.37 12.10 -17.44
N ILE A 549 7.94 10.87 -17.73
CA ILE A 549 7.46 10.52 -19.06
C ILE A 549 6.04 10.00 -18.94
N LYS A 550 5.18 10.47 -19.84
CA LYS A 550 3.79 10.02 -19.85
C LYS A 550 3.62 9.32 -21.19
N VAL A 551 3.42 8.00 -21.17
CA VAL A 551 3.31 7.23 -22.40
C VAL A 551 2.20 6.18 -22.39
N LYS A 552 1.55 6.01 -23.53
CA LYS A 552 0.48 5.04 -23.68
C LYS A 552 1.03 3.64 -23.93
N ILE A 553 0.46 2.65 -23.24
CA ILE A 553 0.88 1.28 -23.40
C ILE A 553 0.53 0.81 -24.82
N PRO A 554 1.52 0.27 -25.55
CA PRO A 554 1.29 -0.21 -26.93
C PRO A 554 0.41 -1.45 -26.97
N ALA A 555 -0.20 -1.70 -28.11
CA ALA A 555 -1.06 -2.86 -28.29
C ALA A 555 -0.26 -4.14 -28.49
N VAL A 556 0.55 -4.51 -27.50
CA VAL A 556 1.32 -5.74 -27.55
C VAL A 556 0.51 -6.83 -26.86
N ALA A 557 0.87 -8.08 -27.12
CA ALA A 557 0.18 -9.21 -26.51
C ALA A 557 0.29 -9.14 -24.98
N GLY A 558 -0.73 -9.64 -24.30
CA GLY A 558 -0.70 -9.64 -22.84
C GLY A 558 0.52 -10.38 -22.34
N GLY A 559 1.13 -9.87 -21.26
CA GLY A 559 2.30 -10.52 -20.70
C GLY A 559 3.09 -9.66 -19.74
N ASN A 560 4.26 -10.15 -19.33
CA ASN A 560 5.14 -9.44 -18.41
C ASN A 560 6.27 -8.81 -19.22
N TYR A 561 6.45 -7.49 -19.10
CA TYR A 561 7.47 -6.80 -19.87
C TYR A 561 8.48 -5.99 -19.06
N ASN A 562 9.66 -5.80 -19.62
CA ASN A 562 10.69 -4.96 -19.02
C ASN A 562 10.52 -3.58 -19.64
N ILE A 563 10.52 -2.55 -18.79
CA ILE A 563 10.39 -1.19 -19.28
C ILE A 563 11.76 -0.54 -19.31
N LYS A 564 12.00 0.22 -20.37
CA LYS A 564 13.27 0.89 -20.55
C LYS A 564 13.02 2.08 -21.45
N VAL A 565 13.85 3.11 -21.32
CA VAL A 565 13.72 4.28 -22.17
C VAL A 565 15.10 4.66 -22.70
N ALA A 566 15.10 5.50 -23.73
CA ALA A 566 16.34 6.02 -24.31
C ALA A 566 16.08 7.49 -24.58
N ASN A 567 17.09 8.32 -24.37
CA ASN A 567 16.93 9.75 -24.60
C ASN A 567 16.99 10.05 -26.10
N ALA A 568 16.74 11.30 -26.46
CA ALA A 568 16.75 11.72 -27.85
C ALA A 568 18.01 11.26 -28.59
N ALA A 569 19.14 11.23 -27.88
CA ALA A 569 20.41 10.83 -28.47
C ALA A 569 20.54 9.32 -28.65
N GLY A 570 19.62 8.56 -28.05
CA GLY A 570 19.67 7.12 -28.19
C GLY A 570 20.28 6.36 -27.03
N THR A 571 20.74 7.06 -26.00
CA THR A 571 21.33 6.40 -24.84
C THR A 571 20.26 5.71 -24.00
N ALA A 572 20.44 4.41 -23.77
CA ALA A 572 19.48 3.61 -23.01
C ALA A 572 19.60 3.76 -21.50
N SER A 573 18.50 3.55 -20.80
CA SER A 573 18.46 3.64 -19.35
C SER A 573 18.50 2.24 -18.77
N ASN A 574 18.40 2.17 -17.44
CA ASN A 574 18.35 0.89 -16.73
C ASN A 574 16.97 0.28 -17.00
N VAL A 575 16.82 -0.99 -16.69
CA VAL A 575 15.56 -1.68 -16.92
C VAL A 575 14.68 -1.75 -15.67
N TYR A 576 13.41 -1.42 -15.84
CA TYR A 576 12.43 -1.50 -14.75
C TYR A 576 11.54 -2.65 -15.17
N ASP A 577 11.71 -3.79 -14.50
CA ASP A 577 11.00 -5.01 -14.85
C ASP A 577 9.63 -5.21 -14.20
N ASN A 578 9.03 -6.34 -14.55
CA ASN A 578 7.75 -6.77 -13.99
C ASN A 578 6.49 -5.97 -14.36
N PHE A 579 6.51 -5.30 -15.51
CA PHE A 579 5.32 -4.58 -15.93
C PHE A 579 4.35 -5.57 -16.57
N GLU A 580 3.09 -5.53 -16.18
CA GLU A 580 2.13 -6.44 -16.77
C GLU A 580 1.14 -5.74 -17.70
N VAL A 581 1.17 -6.16 -18.96
CA VAL A 581 0.25 -5.66 -19.95
C VAL A 581 -0.91 -6.64 -19.92
N LEU A 582 -2.10 -6.16 -19.57
CA LEU A 582 -3.28 -7.01 -19.52
C LEU A 582 -3.73 -7.34 -20.95
N SER A 583 -4.56 -8.36 -21.09
CA SER A 583 -5.08 -8.75 -22.40
C SER A 583 -6.34 -7.97 -22.73
N GLY A 584 -6.73 -7.08 -21.82
CA GLY A 584 -7.92 -6.27 -22.02
C GLY A 584 -8.60 -6.01 -20.69
N ASP A 585 -9.84 -5.52 -20.72
CA ASP A 585 -10.58 -5.29 -19.49
C ASP A 585 -10.65 -6.62 -18.77
N GLN A 586 -10.80 -6.57 -17.45
CA GLN A 586 -10.83 -7.78 -16.65
C GLN A 586 -12.16 -8.05 -15.93
N VAL A 587 -12.47 -9.33 -15.78
CA VAL A 587 -13.63 -9.77 -15.03
C VAL A 587 -13.14 -10.90 -14.13
N SER A 588 -13.76 -11.03 -12.97
CA SER A 588 -13.38 -12.07 -12.01
C SER A 588 -14.20 -13.34 -12.26
N VAL A 589 -13.52 -14.44 -12.54
CA VAL A 589 -14.19 -15.71 -12.80
C VAL A 589 -13.71 -16.80 -11.86
N ARG A 590 -14.65 -17.54 -11.29
CA ARG A 590 -14.31 -18.63 -10.40
C ARG A 590 -14.15 -19.91 -11.21
N PHE A 591 -12.97 -20.51 -11.13
CA PHE A 591 -12.70 -21.76 -11.82
C PHE A 591 -12.87 -22.88 -10.81
N VAL A 592 -13.62 -23.91 -11.19
CA VAL A 592 -13.85 -25.04 -10.32
C VAL A 592 -13.54 -26.33 -11.07
N VAL A 593 -12.72 -27.18 -10.45
CA VAL A 593 -12.37 -28.46 -11.04
C VAL A 593 -12.71 -29.56 -10.05
N ASN A 594 -13.48 -30.54 -10.50
CA ASN A 594 -13.91 -31.65 -9.62
C ASN A 594 -13.08 -32.91 -9.80
N ASN A 595 -12.96 -33.68 -8.72
CA ASN A 595 -12.25 -34.95 -8.73
C ASN A 595 -10.77 -34.82 -9.09
N ALA A 596 -10.08 -33.90 -8.44
CA ALA A 596 -8.67 -33.70 -8.66
C ALA A 596 -7.92 -34.18 -7.42
N THR A 597 -7.65 -35.48 -7.38
CA THR A 597 -6.94 -36.08 -6.24
C THR A 597 -5.45 -35.78 -6.25
N THR A 598 -4.90 -35.59 -5.05
CA THR A 598 -3.50 -35.25 -4.90
C THR A 598 -2.89 -35.93 -3.67
N ALA A 599 -1.57 -35.90 -3.59
CA ALA A 599 -0.85 -36.43 -2.45
C ALA A 599 -0.45 -35.21 -1.62
N LEU A 600 -0.23 -35.40 -0.33
CA LEU A 600 0.15 -34.28 0.53
C LEU A 600 1.33 -33.50 -0.03
N GLY A 601 1.18 -32.17 -0.07
CA GLY A 601 2.23 -31.32 -0.59
C GLY A 601 2.00 -30.98 -2.05
N GLN A 602 1.15 -31.77 -2.70
CA GLN A 602 0.81 -31.60 -4.11
C GLN A 602 -0.49 -30.81 -4.21
N ASN A 603 -0.51 -29.78 -5.05
CA ASN A 603 -1.69 -28.93 -5.20
C ASN A 603 -2.10 -28.74 -6.66
N VAL A 604 -3.36 -28.36 -6.87
CA VAL A 604 -3.87 -28.13 -8.21
C VAL A 604 -3.74 -26.65 -8.59
N TYR A 605 -3.33 -26.42 -9.84
CA TYR A 605 -3.16 -25.08 -10.37
C TYR A 605 -3.92 -24.96 -11.68
N LEU A 606 -4.05 -23.73 -12.17
CA LEU A 606 -4.76 -23.44 -13.41
C LEU A 606 -3.81 -22.80 -14.42
N THR A 607 -3.89 -23.25 -15.67
CA THR A 607 -3.05 -22.72 -16.72
C THR A 607 -3.93 -22.56 -17.97
N GLY A 608 -3.62 -21.59 -18.83
CA GLY A 608 -4.45 -21.38 -20.00
C GLY A 608 -3.84 -20.59 -21.15
N SER A 609 -4.67 -20.33 -22.16
CA SER A 609 -4.26 -19.65 -23.39
C SER A 609 -4.12 -18.13 -23.38
N VAL A 610 -4.09 -17.52 -22.19
CA VAL A 610 -3.91 -16.07 -22.10
C VAL A 610 -2.90 -15.77 -20.99
N SER A 611 -2.20 -14.64 -21.12
CA SER A 611 -1.19 -14.27 -20.15
C SER A 611 -1.74 -14.28 -18.72
N GLU A 612 -3.01 -13.91 -18.56
CA GLU A 612 -3.63 -13.90 -17.24
C GLU A 612 -3.67 -15.29 -16.62
N LEU A 613 -3.43 -16.31 -17.45
CA LEU A 613 -3.39 -17.69 -16.99
C LEU A 613 -2.00 -18.27 -17.19
N GLY A 614 -1.04 -17.40 -17.49
CA GLY A 614 0.34 -17.81 -17.66
C GLY A 614 0.70 -18.42 -19.00
N ASN A 615 -0.15 -18.21 -20.00
CA ASN A 615 0.07 -18.75 -21.34
C ASN A 615 0.68 -20.16 -21.36
N TRP A 616 0.03 -21.09 -20.68
CA TRP A 616 0.45 -22.49 -20.63
C TRP A 616 1.76 -22.80 -19.92
N ASP A 617 2.37 -21.79 -19.31
CA ASP A 617 3.64 -22.00 -18.61
C ASP A 617 3.40 -22.41 -17.16
N PRO A 618 3.73 -23.67 -16.82
CA PRO A 618 3.57 -24.23 -15.47
C PRO A 618 4.09 -23.33 -14.35
N ALA A 619 5.25 -22.71 -14.60
CA ALA A 619 5.85 -21.83 -13.60
C ALA A 619 5.02 -20.58 -13.38
N LYS A 620 4.06 -20.33 -14.27
CA LYS A 620 3.18 -19.17 -14.18
C LYS A 620 1.73 -19.56 -13.94
N ALA A 621 1.48 -20.84 -13.64
CA ALA A 621 0.12 -21.30 -13.40
C ALA A 621 -0.50 -20.59 -12.19
N ILE A 622 -1.82 -20.45 -12.21
CA ILE A 622 -2.55 -19.80 -11.12
C ILE A 622 -2.80 -20.79 -9.98
N GLY A 623 -2.46 -20.38 -8.76
CA GLY A 623 -2.66 -21.23 -7.61
C GLY A 623 -1.57 -21.13 -6.57
N PRO A 624 -1.48 -22.08 -5.63
CA PRO A 624 -2.38 -23.24 -5.52
C PRO A 624 -3.85 -22.87 -5.30
N MET A 625 -4.74 -23.69 -5.86
CA MET A 625 -6.18 -23.47 -5.72
C MET A 625 -6.66 -23.89 -4.34
N TYR A 626 -7.90 -23.56 -4.02
CA TYR A 626 -8.48 -23.89 -2.72
C TYR A 626 -9.37 -25.12 -2.78
N ASN A 627 -9.55 -25.76 -1.62
CA ASN A 627 -10.37 -26.97 -1.54
C ASN A 627 -10.91 -27.19 -0.14
N GLN A 628 -11.21 -26.10 0.57
CA GLN A 628 -11.70 -26.19 1.94
C GLN A 628 -13.10 -25.61 2.16
N VAL A 629 -13.23 -24.31 1.94
CA VAL A 629 -14.47 -23.60 2.22
C VAL A 629 -15.61 -23.72 1.19
N VAL A 630 -15.51 -23.01 0.08
CA VAL A 630 -16.59 -23.02 -0.92
C VAL A 630 -16.78 -24.39 -1.56
N TYR A 631 -15.70 -25.15 -1.70
CA TYR A 631 -15.76 -26.50 -2.23
C TYR A 631 -14.78 -27.32 -1.43
N GLN A 632 -15.01 -28.63 -1.34
CA GLN A 632 -14.14 -29.50 -0.57
C GLN A 632 -13.40 -30.50 -1.45
N TYR A 633 -12.19 -30.85 -1.05
CA TYR A 633 -11.38 -31.82 -1.77
C TYR A 633 -12.23 -33.08 -1.96
N PRO A 634 -12.05 -33.80 -3.08
CA PRO A 634 -11.12 -33.57 -4.20
C PRO A 634 -11.55 -32.48 -5.20
N ASN A 635 -12.45 -31.59 -4.79
CA ASN A 635 -12.85 -30.49 -5.66
C ASN A 635 -12.04 -29.26 -5.28
N TRP A 636 -11.56 -28.53 -6.29
CA TRP A 636 -10.76 -27.35 -6.05
C TRP A 636 -11.37 -26.14 -6.74
N TYR A 637 -11.14 -24.95 -6.18
CA TYR A 637 -11.67 -23.72 -6.77
C TYR A 637 -10.71 -22.55 -6.57
N TYR A 638 -10.85 -21.52 -7.41
CA TYR A 638 -10.01 -20.34 -7.31
C TYR A 638 -10.60 -19.22 -8.17
N ASP A 639 -10.60 -18.02 -7.64
CA ASP A 639 -11.14 -16.87 -8.37
C ASP A 639 -10.00 -16.18 -9.13
N VAL A 640 -10.19 -16.00 -10.43
CA VAL A 640 -9.14 -15.47 -11.30
C VAL A 640 -9.56 -14.30 -12.16
N SER A 641 -8.66 -13.33 -12.31
CA SER A 641 -8.89 -12.17 -13.16
C SER A 641 -8.56 -12.58 -14.60
N VAL A 642 -9.54 -12.50 -15.48
CA VAL A 642 -9.35 -12.88 -16.88
C VAL A 642 -9.91 -11.82 -17.82
N PRO A 643 -9.38 -11.75 -19.06
CA PRO A 643 -9.85 -10.77 -20.05
C PRO A 643 -11.32 -10.97 -20.41
N ALA A 644 -12.11 -9.90 -20.21
CA ALA A 644 -13.53 -9.92 -20.47
C ALA A 644 -13.91 -10.31 -21.90
N GLY A 645 -14.90 -11.20 -22.01
CA GLY A 645 -15.39 -11.62 -23.31
C GLY A 645 -14.46 -12.44 -24.20
N LYS A 646 -13.35 -12.90 -23.66
CA LYS A 646 -12.43 -13.69 -24.47
C LYS A 646 -12.69 -15.18 -24.34
N THR A 647 -12.54 -15.90 -25.45
CA THR A 647 -12.68 -17.34 -25.44
C THR A 647 -11.33 -17.85 -24.96
N ILE A 648 -11.35 -18.63 -23.89
CA ILE A 648 -10.11 -19.11 -23.30
C ILE A 648 -10.07 -20.62 -23.14
N GLU A 649 -8.96 -21.22 -23.54
CA GLU A 649 -8.76 -22.65 -23.37
C GLU A 649 -7.89 -22.81 -22.15
N PHE A 650 -8.20 -23.81 -21.32
CA PHE A 650 -7.42 -24.02 -20.11
C PHE A 650 -7.37 -25.48 -19.71
N LYS A 651 -6.51 -25.74 -18.72
CA LYS A 651 -6.36 -27.08 -18.16
C LYS A 651 -5.89 -26.89 -16.73
N PHE A 652 -5.95 -27.96 -15.95
CA PHE A 652 -5.50 -27.91 -14.57
C PHE A 652 -4.26 -28.76 -14.41
N LEU A 653 -3.43 -28.38 -13.44
CA LEU A 653 -2.19 -29.09 -13.18
C LEU A 653 -2.09 -29.49 -11.73
N LYS A 654 -1.38 -30.57 -11.48
CA LYS A 654 -1.12 -31.01 -10.12
C LYS A 654 0.38 -30.79 -10.00
N LYS A 655 0.77 -29.84 -9.15
CA LYS A 655 2.18 -29.51 -8.99
C LYS A 655 2.75 -29.75 -7.60
N GLN A 656 4.01 -30.16 -7.57
CA GLN A 656 4.76 -30.33 -6.34
C GLN A 656 6.10 -29.72 -6.71
N GLY A 657 6.42 -28.58 -6.10
CA GLY A 657 7.63 -27.89 -6.48
C GLY A 657 7.37 -27.45 -7.91
N SER A 658 8.36 -27.59 -8.79
CA SER A 658 8.18 -27.21 -10.18
C SER A 658 7.73 -28.39 -11.04
N THR A 659 7.55 -29.55 -10.42
CA THR A 659 7.11 -30.75 -11.13
C THR A 659 5.62 -30.65 -11.38
N ALA A 660 5.20 -30.83 -12.63
CA ALA A 660 3.80 -30.69 -13.01
C ALA A 660 3.19 -31.88 -13.74
N THR A 661 1.96 -32.21 -13.36
CA THR A 661 1.23 -33.29 -14.01
C THR A 661 0.03 -32.65 -14.69
N TRP A 662 -0.06 -32.83 -15.99
CA TRP A 662 -1.14 -32.23 -16.78
C TRP A 662 -2.40 -33.06 -16.89
N GLU A 663 -3.52 -32.36 -17.04
CA GLU A 663 -4.80 -33.02 -17.28
C GLU A 663 -4.61 -33.68 -18.63
N GLY A 664 -5.27 -34.81 -18.84
CA GLY A 664 -5.18 -35.47 -20.12
C GLY A 664 -6.28 -34.91 -21.01
N GLY A 665 -6.44 -35.49 -22.20
CA GLY A 665 -7.49 -35.05 -23.09
C GLY A 665 -7.30 -33.68 -23.70
N SER A 666 -8.40 -33.10 -24.17
CA SER A 666 -8.37 -31.79 -24.81
C SER A 666 -8.55 -30.65 -23.80
N ASN A 667 -8.11 -29.46 -24.20
CA ASN A 667 -8.24 -28.27 -23.38
C ASN A 667 -9.72 -28.03 -23.06
N HIS A 668 -9.97 -27.47 -21.88
CA HIS A 668 -11.33 -27.08 -21.51
C HIS A 668 -11.48 -25.73 -22.20
N THR A 669 -12.71 -25.31 -22.47
CA THR A 669 -12.92 -24.03 -23.14
C THR A 669 -14.13 -23.30 -22.58
N PHE A 670 -14.10 -21.98 -22.67
CA PHE A 670 -15.21 -21.15 -22.24
C PHE A 670 -14.93 -19.73 -22.68
N THR A 671 -15.93 -18.88 -22.58
CA THR A 671 -15.78 -17.48 -22.94
C THR A 671 -16.10 -16.66 -21.70
N ALA A 672 -15.16 -15.80 -21.30
CA ALA A 672 -15.35 -14.98 -20.12
C ALA A 672 -16.50 -14.00 -20.33
N PRO A 673 -17.25 -13.68 -19.26
CA PRO A 673 -18.36 -12.75 -19.40
C PRO A 673 -17.85 -11.36 -19.78
N SER A 674 -18.67 -10.60 -20.50
CA SER A 674 -18.28 -9.27 -20.95
C SER A 674 -18.19 -8.30 -19.77
N SER A 675 -18.89 -8.62 -18.69
CA SER A 675 -18.85 -7.81 -17.48
C SER A 675 -19.48 -8.65 -16.38
N GLY A 676 -19.28 -8.22 -15.14
CA GLY A 676 -19.82 -8.97 -14.02
C GLY A 676 -18.94 -10.19 -13.77
N THR A 677 -19.45 -11.13 -12.98
CA THR A 677 -18.69 -12.31 -12.66
C THR A 677 -19.13 -13.55 -13.40
N GLY A 678 -18.43 -14.65 -13.16
CA GLY A 678 -18.76 -15.90 -13.81
C GLY A 678 -18.18 -17.08 -13.06
N THR A 679 -18.70 -18.27 -13.34
CA THR A 679 -18.22 -19.48 -12.71
C THR A 679 -18.19 -20.62 -13.73
N ILE A 680 -17.05 -21.30 -13.82
CA ILE A 680 -16.90 -22.44 -14.75
C ILE A 680 -16.60 -23.65 -13.88
N ASN A 681 -17.42 -24.68 -14.01
CA ASN A 681 -17.24 -25.89 -13.23
C ASN A 681 -17.02 -27.05 -14.19
N VAL A 682 -15.84 -27.68 -14.10
CA VAL A 682 -15.50 -28.80 -14.98
C VAL A 682 -14.87 -29.96 -14.21
N ASN A 683 -14.74 -31.10 -14.87
CA ASN A 683 -14.14 -32.28 -14.26
C ASN A 683 -12.69 -32.44 -14.67
N TRP A 684 -11.87 -32.93 -13.76
CA TRP A 684 -10.47 -33.17 -14.06
C TRP A 684 -10.39 -34.31 -15.06
N GLN A 685 -9.65 -34.08 -16.16
CA GLN A 685 -9.50 -35.10 -17.19
C GLN A 685 -8.20 -35.87 -16.99
N PRO A 686 -8.31 -37.16 -16.65
CA PRO A 686 -7.14 -38.02 -16.43
C PRO A 686 -6.35 -38.19 -17.73
#